data_5M73
#
_entry.id   5M73
#
_cell.length_a   134.567
_cell.length_b   139.306
_cell.length_c   152.246
_cell.angle_alpha   90.00
_cell.angle_beta   90.00
_cell.angle_gamma   90.00
#
_symmetry.space_group_name_H-M   'P 21 21 21'
#
loop_
_entity.id
_entity.type
_entity.pdbx_description
1 polymer 'Human gene for small cytoplasmic 7SL RNA (7L30.1)'
2 polymer 'Signal recognition particle 19 kDa protein'
3 polymer 'Signal recognition particle subunit SRP68'
4 polymer 'Signal recognition particle subunit SRP72'
5 non-polymer 'MAGNESIUM ION'
6 non-polymer 'POTASSIUM ION'
7 non-polymer GLYCEROL
#
loop_
_entity_poly.entity_id
_entity_poly.type
_entity_poly.pdbx_seq_one_letter_code
_entity_poly.pdbx_strand_id
1 'polyribonucleotide'
;(GTP)GGUGUCCGCACUAAGUUCGGCAUCAAUAUGGUGACCUCCCGGGAGCGGGGGACCACCAGGUUGCCUAAGGAGGGG
UGAACCGGCCCAGGUCGGAAACGGAGCAGGUCAAAACUCCCGUGCUGAUCAGUAGUGGGAUCGCGCCUA
;
A,E
2 'polypeptide(L)'
;MACAAARSPADQDRFICIYPAYLNNKKTIAEGRRIPISKAVENPTATEIQDVCSAVGLNVFLEKNKMYSREWNRDVQYRG
RVRVQLKQEDGSLCLVQFPSRKSVMLYAAEMIPKLKTRTQLEHHHHHH
;
B,F
3 'polypeptide(L)'
;MGHHHHHHLEILQIIKESQQQHGLRHGDFQRYRGYCSRRQRRLRKTLNFKMGNRHKFTGKKVTEDLLTDNRYLLLVLMDA
ERAWSYAMQLKQEANTEPRKRFHLLSRLRKAVKHAEELERLCESNRVDAKTKLEAQAYTAYLSGMLRFEHQEWKAAIEAF
NKCKTIYEKLASAFTEEQAVLYNQRVEEISPNIRYCAYNIGDQ
;
C,G
4 'polypeptide(L)'
;MGSLKVDVEALENSAGATYIRKKGGKVTGDSQPKEQGQGDLKKKKKKKKGKLPKNYDPKVTPDPERWLPMRERSYYRGRK
KGKKKDQIGKGTQGATAGASSELDASKTVSSPPTSPRPGSAATVSASTSNIIPPRHQKPAGAPATKKKQQQKHHHHHH
;
D,H
#
loop_
_chem_comp.id
_chem_comp.type
_chem_comp.name
_chem_comp.formula
A RNA linking ADENOSINE-5'-MONOPHOSPHATE 'C10 H14 N5 O7 P'
C RNA linking CYTIDINE-5'-MONOPHOSPHATE 'C9 H14 N3 O8 P'
G RNA linking GUANOSINE-5'-MONOPHOSPHATE 'C10 H14 N5 O8 P'
GOL non-polymer GLYCEROL 'C3 H8 O3'
GTP non-polymer GUANOSINE-5'-TRIPHOSPHATE 'C10 H16 N5 O14 P3'
K non-polymer 'POTASSIUM ION' 'K 1'
MG non-polymer 'MAGNESIUM ION' 'Mg 2'
U RNA linking URIDINE-5'-MONOPHOSPHATE 'C9 H13 N2 O9 P'
#
# COMPACT_ATOMS: atom_id res chain seq x y z
PG GTP A 1 -53.60 16.09 -49.66
O1G GTP A 1 -54.12 15.83 -48.27
O2G GTP A 1 -54.62 15.61 -50.67
O3G GTP A 1 -52.31 15.35 -49.87
O3B GTP A 1 -53.38 17.68 -49.85
PB GTP A 1 -52.80 18.61 -48.67
O1B GTP A 1 -53.94 19.35 -48.02
O2B GTP A 1 -52.05 17.78 -47.66
O3A GTP A 1 -51.83 19.64 -49.42
PA GTP A 1 -50.24 19.44 -49.45
O1A GTP A 1 -49.67 19.46 -48.05
O2A GTP A 1 -49.63 20.53 -50.28
O5' GTP A 1 -50.02 17.99 -50.14
C5' GTP A 1 -49.63 16.86 -49.36
C4' GTP A 1 -48.17 16.52 -49.60
O4' GTP A 1 -47.44 17.73 -49.71
C3' GTP A 1 -47.46 15.78 -48.46
O3' GTP A 1 -47.56 14.37 -48.52
C2' GTP A 1 -46.03 16.17 -48.69
O2' GTP A 1 -45.48 15.27 -49.62
C1' GTP A 1 -46.10 17.54 -49.34
N9 GTP A 1 -45.71 18.56 -48.34
C8 GTP A 1 -46.53 19.46 -47.72
N7 GTP A 1 -45.78 20.22 -46.91
C5 GTP A 1 -44.49 19.83 -47.01
C6 GTP A 1 -43.32 20.27 -46.39
O6 GTP A 1 -43.34 21.20 -45.58
N1 GTP A 1 -42.12 19.66 -46.71
C2 GTP A 1 -42.09 18.61 -47.62
N2 GTP A 1 -40.93 18.03 -47.91
N3 GTP A 1 -43.25 18.18 -48.22
C4 GTP A 1 -44.43 18.79 -47.91
N ASP B 11 13.67 -49.60 61.85
CA ASP B 11 13.75 -48.26 61.29
C ASP B 11 12.38 -47.87 60.68
N GLN B 12 11.42 -47.54 61.55
CA GLN B 12 10.00 -47.63 61.18
C GLN B 12 9.60 -46.62 60.09
N ASP B 13 9.99 -45.36 60.26
CA ASP B 13 9.44 -44.24 59.49
C ASP B 13 10.23 -43.90 58.23
N ARG B 14 11.13 -44.75 57.76
CA ARG B 14 11.66 -44.52 56.43
C ARG B 14 11.28 -45.65 55.49
N PHE B 15 10.11 -46.22 55.69
CA PHE B 15 9.58 -47.17 54.72
C PHE B 15 8.96 -46.40 53.56
N ILE B 16 9.07 -46.96 52.34
CA ILE B 16 8.43 -46.35 51.18
C ILE B 16 6.93 -46.60 51.23
N CYS B 17 6.21 -45.77 50.48
CA CYS B 17 4.76 -45.76 50.50
C CYS B 17 4.17 -46.34 49.23
N ILE B 18 3.11 -47.08 49.41
CA ILE B 18 2.29 -47.56 48.33
C ILE B 18 0.88 -47.33 48.80
N TYR B 19 0.12 -46.53 48.07
CA TYR B 19 -1.28 -46.23 48.23
C TYR B 19 -2.05 -47.03 47.20
N PRO B 20 -3.31 -47.41 47.39
CA PRO B 20 -3.94 -48.27 46.37
C PRO B 20 -3.92 -47.66 44.98
N ALA B 21 -4.15 -46.34 44.90
CA ALA B 21 -4.30 -45.65 43.62
C ALA B 21 -3.12 -45.84 42.69
N TYR B 22 -1.93 -45.99 43.20
CA TYR B 22 -0.80 -46.15 42.29
C TYR B 22 -1.04 -47.28 41.31
N LEU B 23 -1.86 -48.26 41.67
CA LEU B 23 -2.06 -49.40 40.79
C LEU B 23 -3.46 -49.53 40.22
N ASN B 24 -4.38 -48.63 40.54
CA ASN B 24 -5.77 -48.87 40.17
C ASN B 24 -5.96 -48.48 38.72
N ASN B 25 -6.18 -49.47 37.85
CA ASN B 25 -6.20 -49.14 36.42
C ASN B 25 -7.39 -48.28 36.03
N LYS B 26 -8.34 -48.11 36.91
CA LYS B 26 -9.46 -47.26 36.59
C LYS B 26 -9.26 -45.89 37.19
N LYS B 27 -8.02 -45.54 37.46
CA LYS B 27 -7.67 -44.18 37.83
C LYS B 27 -6.65 -43.64 36.84
N THR B 28 -6.64 -42.32 36.67
CA THR B 28 -5.74 -41.61 35.79
C THR B 28 -4.48 -41.13 36.47
N ILE B 29 -3.58 -40.61 35.66
CA ILE B 29 -2.32 -40.07 36.18
C ILE B 29 -2.56 -38.88 37.08
N ALA B 30 -3.46 -37.98 36.70
CA ALA B 30 -3.78 -36.89 37.62
C ALA B 30 -4.41 -37.41 38.89
N GLU B 31 -5.02 -38.59 38.83
CA GLU B 31 -5.60 -39.20 40.02
C GLU B 31 -4.61 -39.97 40.89
N GLY B 32 -3.35 -40.13 40.48
CA GLY B 32 -2.33 -40.79 41.29
C GLY B 32 -1.68 -42.03 40.70
N ARG B 33 -2.17 -42.55 39.59
CA ARG B 33 -1.60 -43.75 38.99
C ARG B 33 -0.15 -43.52 38.58
N ARG B 34 0.71 -44.53 38.82
CA ARG B 34 2.13 -44.44 38.50
C ARG B 34 2.61 -45.47 37.48
N ILE B 35 1.78 -46.43 37.12
CA ILE B 35 2.19 -47.52 36.25
C ILE B 35 1.32 -47.52 35.01
N PRO B 36 1.80 -48.12 33.92
CA PRO B 36 0.97 -48.20 32.71
C PRO B 36 -0.35 -48.93 32.93
N ILE B 37 -1.36 -48.47 32.20
CA ILE B 37 -2.70 -49.03 32.31
C ILE B 37 -2.68 -50.50 31.93
N SER B 38 -1.82 -50.85 30.98
CA SER B 38 -1.75 -52.24 30.55
C SER B 38 -1.47 -53.19 31.70
N LYS B 39 -0.62 -52.75 32.65
CA LYS B 39 -0.17 -53.62 33.73
C LYS B 39 -0.93 -53.48 35.04
N ALA B 40 -1.53 -52.35 35.31
CA ALA B 40 -2.24 -52.16 36.56
C ALA B 40 -3.45 -53.08 36.60
N VAL B 41 -4.12 -53.13 37.73
CA VAL B 41 -5.28 -53.99 37.88
C VAL B 41 -6.46 -53.20 38.40
N GLU B 42 -7.60 -53.86 38.42
CA GLU B 42 -8.84 -53.20 38.83
C GLU B 42 -8.95 -53.17 40.34
N ASN B 43 -9.23 -51.98 40.88
CA ASN B 43 -9.50 -51.75 42.29
C ASN B 43 -8.61 -52.55 43.24
N PRO B 44 -7.28 -52.59 43.06
CA PRO B 44 -6.46 -53.30 44.05
C PRO B 44 -6.56 -52.61 45.38
N THR B 45 -6.59 -53.40 46.44
CA THR B 45 -6.75 -52.85 47.78
C THR B 45 -5.48 -52.98 48.60
N ALA B 46 -5.41 -52.14 49.63
CA ALA B 46 -4.24 -52.19 50.50
C ALA B 46 -4.13 -53.57 51.11
N THR B 47 -5.26 -54.17 51.44
CA THR B 47 -5.25 -55.51 51.98
C THR B 47 -4.61 -56.47 50.99
N GLU B 48 -4.99 -56.38 49.72
CA GLU B 48 -4.41 -57.26 48.71
C GLU B 48 -2.93 -57.00 48.51
N ILE B 49 -2.52 -55.74 48.46
CA ILE B 49 -1.10 -55.43 48.27
C ILE B 49 -0.26 -55.99 49.41
N GLN B 50 -0.69 -55.75 50.66
CA GLN B 50 0.06 -56.30 51.78
C GLN B 50 0.17 -57.80 51.66
N ASP B 51 -0.94 -58.49 51.37
CA ASP B 51 -0.85 -59.94 51.32
C ASP B 51 0.18 -60.37 50.29
N VAL B 52 0.22 -59.72 49.13
CA VAL B 52 1.22 -60.22 48.21
C VAL B 52 2.63 -59.84 48.64
N CYS B 53 2.84 -58.66 49.21
CA CYS B 53 4.25 -58.38 49.48
C CYS B 53 4.77 -59.18 50.68
N SER B 54 3.98 -59.33 51.76
CA SER B 54 4.43 -60.19 52.85
C SER B 54 4.63 -61.60 52.34
N ALA B 55 3.78 -62.03 51.40
CA ALA B 55 3.92 -63.37 50.83
C ALA B 55 5.23 -63.52 50.05
N VAL B 56 5.75 -62.45 49.45
CA VAL B 56 7.01 -62.61 48.71
C VAL B 56 8.23 -62.33 49.57
N GLY B 57 8.07 -61.99 50.85
CA GLY B 57 9.23 -61.81 51.69
C GLY B 57 9.72 -60.40 51.87
N LEU B 58 8.82 -59.49 52.23
CA LEU B 58 9.18 -58.10 52.44
C LEU B 58 8.61 -57.64 53.77
N ASN B 59 9.40 -56.85 54.49
CA ASN B 59 8.89 -56.25 55.71
C ASN B 59 7.86 -55.23 55.29
N VAL B 60 6.59 -55.56 55.47
CA VAL B 60 5.52 -54.69 55.06
C VAL B 60 4.51 -54.59 56.17
N PHE B 61 3.80 -53.48 56.23
CA PHE B 61 2.67 -53.54 57.13
C PHE B 61 1.57 -52.68 56.56
N LEU B 62 0.35 -53.07 56.90
CA LEU B 62 -0.83 -52.45 56.32
C LEU B 62 -1.29 -51.38 57.27
N GLU B 63 -1.47 -50.19 56.75
CA GLU B 63 -2.07 -49.09 57.47
C GLU B 63 -3.49 -49.00 56.93
N LYS B 64 -4.38 -49.78 57.51
CA LYS B 64 -5.79 -49.76 57.16
C LYS B 64 -6.38 -48.36 57.30
N ASN B 65 -5.73 -47.49 58.04
CA ASN B 65 -6.31 -46.22 58.42
C ASN B 65 -5.76 -45.03 57.65
N LYS B 66 -4.88 -45.25 56.68
CA LYS B 66 -4.34 -44.19 55.84
C LYS B 66 -5.00 -44.15 54.46
N MET B 67 -5.24 -42.92 53.94
CA MET B 67 -5.83 -42.74 52.61
C MET B 67 -5.04 -41.74 51.76
N TYR B 68 -5.16 -41.93 50.45
CA TYR B 68 -4.44 -41.11 49.50
C TYR B 68 -5.13 -39.78 49.39
N SER B 69 -4.39 -38.69 49.40
CA SER B 69 -5.06 -37.40 49.36
C SER B 69 -5.96 -37.32 48.14
N ARG B 70 -5.49 -37.87 47.02
CA ARG B 70 -6.14 -37.81 45.72
C ARG B 70 -7.34 -38.72 45.61
N GLU B 71 -7.67 -39.46 46.65
CA GLU B 71 -8.82 -40.34 46.62
C GLU B 71 -9.94 -39.58 47.28
N TRP B 72 -10.99 -39.29 46.53
CA TRP B 72 -12.16 -38.60 47.07
C TRP B 72 -13.12 -39.57 47.72
N ASN B 73 -13.20 -40.79 47.19
CA ASN B 73 -14.16 -41.76 47.66
C ASN B 73 -13.68 -42.30 48.99
N ARG B 74 -14.52 -42.23 50.00
CA ARG B 74 -14.17 -42.71 51.31
C ARG B 74 -14.76 -44.11 51.52
N ASP B 75 -14.13 -45.08 50.88
CA ASP B 75 -14.65 -46.44 50.87
C ASP B 75 -13.50 -47.43 51.03
N VAL B 76 -13.86 -48.59 51.59
CA VAL B 76 -12.86 -49.60 51.92
C VAL B 76 -12.02 -49.96 50.71
N GLN B 77 -12.63 -50.06 49.54
CA GLN B 77 -11.87 -50.48 48.39
C GLN B 77 -10.81 -49.45 48.01
N TYR B 78 -11.05 -48.19 48.30
CA TYR B 78 -10.07 -47.15 48.05
C TYR B 78 -9.27 -46.80 49.30
N ARG B 79 -9.72 -47.26 50.46
CA ARG B 79 -9.02 -47.00 51.71
C ARG B 79 -7.67 -47.72 51.73
N GLY B 80 -6.78 -47.25 52.59
CA GLY B 80 -5.58 -48.03 52.79
C GLY B 80 -4.27 -47.39 52.39
N ARG B 81 -3.20 -47.78 53.07
CA ARG B 81 -1.83 -47.51 52.66
C ARG B 81 -0.99 -48.71 53.04
N VAL B 82 -0.08 -49.10 52.18
CA VAL B 82 0.83 -50.21 52.42
C VAL B 82 2.23 -49.62 52.51
N ARG B 83 2.97 -50.00 53.53
CA ARG B 83 4.35 -49.57 53.72
C ARG B 83 5.31 -50.72 53.46
N VAL B 84 6.41 -50.43 52.79
CA VAL B 84 7.41 -51.46 52.51
C VAL B 84 8.79 -50.96 52.88
N GLN B 85 9.53 -51.78 53.63
CA GLN B 85 10.93 -51.52 53.95
C GLN B 85 11.79 -51.97 52.78
N LEU B 86 12.54 -51.04 52.22
CA LEU B 86 13.38 -51.39 51.09
C LEU B 86 14.85 -51.52 51.41
N LYS B 87 15.34 -50.75 52.35
CA LYS B 87 16.77 -50.79 52.63
C LYS B 87 17.05 -50.85 54.13
N GLN B 88 18.19 -51.45 54.49
CA GLN B 88 18.69 -51.41 55.85
C GLN B 88 19.52 -50.15 56.04
N GLU B 89 19.74 -49.78 57.31
CA GLU B 89 20.39 -48.52 57.63
C GLU B 89 21.67 -48.32 56.83
N ASP B 90 22.39 -49.39 56.55
CA ASP B 90 23.63 -49.21 55.81
C ASP B 90 23.40 -49.06 54.31
N GLY B 91 22.16 -48.92 53.85
CA GLY B 91 21.91 -48.70 52.45
C GLY B 91 21.72 -49.95 51.61
N SER B 92 22.00 -51.12 52.15
CA SER B 92 21.88 -52.32 51.35
C SER B 92 20.42 -52.72 51.15
N LEU B 93 20.18 -53.39 50.03
CA LEU B 93 18.85 -53.84 49.63
C LEU B 93 18.31 -54.91 50.55
N CYS B 94 17.02 -54.87 50.82
CA CYS B 94 16.40 -56.00 51.51
C CYS B 94 16.35 -57.21 50.60
N LEU B 95 16.04 -57.01 49.34
CA LEU B 95 16.06 -58.05 48.34
C LEU B 95 16.59 -57.44 47.06
N VAL B 96 17.56 -58.07 46.42
CA VAL B 96 18.01 -57.54 45.14
C VAL B 96 16.89 -57.54 44.13
N GLN B 97 15.90 -58.40 44.33
CA GLN B 97 14.83 -58.51 43.35
C GLN B 97 13.99 -57.24 43.27
N PHE B 98 13.92 -56.42 44.31
CA PHE B 98 13.08 -55.23 44.27
C PHE B 98 13.92 -54.01 44.62
N PRO B 99 14.72 -53.51 43.67
CA PRO B 99 15.60 -52.37 43.97
C PRO B 99 14.97 -51.00 44.02
N SER B 100 13.70 -50.85 43.67
CA SER B 100 13.10 -49.52 43.57
C SER B 100 11.60 -49.58 43.78
N ARG B 101 11.01 -48.41 44.05
CA ARG B 101 9.58 -48.37 44.29
C ARG B 101 8.81 -48.95 43.12
N LYS B 102 9.24 -48.60 41.91
CA LYS B 102 8.49 -48.98 40.73
C LYS B 102 8.33 -50.49 40.68
N SER B 103 9.45 -51.19 40.87
CA SER B 103 9.47 -52.64 40.81
C SER B 103 8.51 -53.26 41.80
N VAL B 104 8.37 -52.65 42.97
CA VAL B 104 7.42 -53.22 43.91
C VAL B 104 6.03 -53.07 43.36
N MET B 105 5.72 -51.87 42.86
CA MET B 105 4.38 -51.68 42.35
C MET B 105 4.08 -52.69 41.27
N LEU B 106 5.02 -52.86 40.34
CA LEU B 106 4.79 -53.77 39.24
C LEU B 106 4.54 -55.17 39.76
N TYR B 107 5.35 -55.62 40.73
CA TYR B 107 5.13 -56.97 41.25
C TYR B 107 3.72 -57.09 41.82
N ALA B 108 3.31 -56.09 42.61
CA ALA B 108 1.99 -56.15 43.20
C ALA B 108 0.95 -56.37 42.13
N ALA B 109 1.03 -55.56 41.07
CA ALA B 109 0.06 -55.66 39.99
C ALA B 109 0.11 -57.02 39.33
N GLU B 110 1.30 -57.60 39.20
CA GLU B 110 1.40 -58.90 38.58
C GLU B 110 0.73 -59.99 39.41
N MET B 111 0.95 -59.98 40.71
CA MET B 111 0.40 -61.11 41.45
C MET B 111 -1.04 -60.94 41.88
N ILE B 112 -1.48 -59.71 42.13
CA ILE B 112 -2.78 -59.50 42.76
C ILE B 112 -3.91 -60.32 42.16
N PRO B 113 -4.03 -60.41 40.83
CA PRO B 113 -5.16 -61.14 40.25
C PRO B 113 -5.20 -62.62 40.59
N LYS B 114 -4.13 -63.23 41.06
CA LYS B 114 -4.18 -64.66 41.33
C LYS B 114 -4.75 -65.06 42.67
N LEU B 115 -4.83 -64.15 43.63
CA LEU B 115 -5.32 -64.55 44.94
C LEU B 115 -6.77 -65.03 44.92
N LYS B 116 -7.70 -64.10 44.97
CA LYS B 116 -9.09 -64.51 45.14
C LYS B 116 -9.97 -63.94 44.05
N THR B 117 -9.39 -63.63 42.89
CA THR B 117 -10.21 -63.11 41.79
C THR B 117 -11.15 -64.17 41.25
N ARG B 118 -10.77 -65.44 41.32
CA ARG B 118 -11.56 -66.54 40.78
C ARG B 118 -12.92 -66.72 41.46
N HIS C 7 -20.73 -15.19 -34.89
CA HIS C 7 -19.40 -15.38 -35.48
C HIS C 7 -18.26 -14.78 -34.62
N HIS C 8 -18.32 -13.45 -34.40
CA HIS C 8 -17.18 -12.57 -34.19
C HIS C 8 -17.08 -12.12 -32.75
N LEU C 9 -15.89 -11.64 -32.36
CA LEU C 9 -15.67 -11.09 -31.02
C LEU C 9 -14.33 -10.39 -30.81
N GLU C 10 -14.33 -9.07 -30.68
CA GLU C 10 -13.10 -8.27 -30.54
C GLU C 10 -12.73 -8.13 -29.06
N ILE C 11 -12.11 -9.20 -28.52
CA ILE C 11 -11.93 -9.31 -27.06
C ILE C 11 -11.10 -8.16 -26.51
N LEU C 12 -9.91 -7.97 -27.07
CA LEU C 12 -9.02 -6.97 -26.50
C LEU C 12 -9.68 -5.61 -26.48
N GLN C 13 -10.39 -5.28 -27.55
CA GLN C 13 -11.10 -4.01 -27.60
C GLN C 13 -12.14 -3.95 -26.50
N ILE C 14 -12.86 -5.04 -26.29
CA ILE C 14 -13.90 -5.02 -25.27
C ILE C 14 -13.27 -4.67 -23.94
N ILE C 15 -12.20 -5.38 -23.60
CA ILE C 15 -11.65 -5.17 -22.26
C ILE C 15 -11.07 -3.77 -22.15
N LYS C 16 -10.41 -3.29 -23.18
CA LYS C 16 -9.77 -1.99 -23.02
C LYS C 16 -10.81 -0.90 -22.88
N GLU C 17 -11.82 -0.89 -23.72
CA GLU C 17 -12.76 0.21 -23.55
C GLU C 17 -13.54 0.04 -22.25
N SER C 18 -13.89 -1.19 -21.88
CA SER C 18 -14.70 -1.33 -20.68
C SER C 18 -13.92 -0.83 -19.48
N GLN C 19 -12.68 -1.29 -19.36
CA GLN C 19 -11.83 -0.88 -18.25
C GLN C 19 -11.61 0.62 -18.27
N GLN C 20 -11.42 1.20 -19.45
CA GLN C 20 -11.14 2.63 -19.49
C GLN C 20 -12.35 3.43 -19.03
N GLN C 21 -13.56 2.96 -19.35
CA GLN C 21 -14.78 3.66 -19.01
C GLN C 21 -15.14 3.52 -17.53
N HIS C 22 -14.80 2.39 -16.91
CA HIS C 22 -15.34 2.07 -15.59
C HIS C 22 -14.27 2.02 -14.49
N GLY C 23 -13.17 2.75 -14.69
CA GLY C 23 -12.28 3.08 -13.60
C GLY C 23 -10.78 2.94 -13.81
N LEU C 24 -10.30 1.89 -14.48
CA LEU C 24 -8.86 1.64 -14.44
C LEU C 24 -8.06 2.79 -15.03
N ARG C 25 -8.74 3.79 -15.60
CA ARG C 25 -8.06 5.00 -16.03
C ARG C 25 -7.48 5.73 -14.83
N HIS C 26 -8.18 5.72 -13.70
CA HIS C 26 -7.60 6.22 -12.46
C HIS C 26 -7.30 5.07 -11.49
N GLY C 27 -7.28 3.83 -11.98
CA GLY C 27 -6.70 2.72 -11.24
C GLY C 27 -7.61 2.01 -10.28
N ASP C 28 -8.92 2.05 -10.47
CA ASP C 28 -9.86 1.53 -9.48
C ASP C 28 -10.31 0.09 -9.77
N PHE C 29 -9.44 -0.85 -9.41
CA PHE C 29 -9.69 -2.25 -9.69
C PHE C 29 -10.93 -2.73 -8.94
N GLN C 30 -11.23 -2.13 -7.81
CA GLN C 30 -12.40 -2.56 -7.05
C GLN C 30 -13.69 -2.20 -7.78
N ARG C 31 -13.74 -1.00 -8.37
CA ARG C 31 -14.91 -0.63 -9.15
C ARG C 31 -15.06 -1.52 -10.38
N TYR C 32 -13.97 -1.72 -11.12
CA TYR C 32 -14.08 -2.50 -12.35
C TYR C 32 -14.53 -3.90 -12.04
N ARG C 33 -14.00 -4.49 -10.98
CA ARG C 33 -14.56 -5.76 -10.56
C ARG C 33 -16.06 -5.61 -10.34
N GLY C 34 -16.50 -4.50 -9.74
CA GLY C 34 -17.92 -4.36 -9.49
C GLY C 34 -18.76 -4.28 -10.75
N TYR C 35 -18.34 -3.47 -11.70
CA TYR C 35 -19.06 -3.40 -12.97
C TYR C 35 -19.04 -4.74 -13.66
N CYS C 36 -17.89 -5.42 -13.63
CA CYS C 36 -17.78 -6.71 -14.28
C CYS C 36 -18.79 -7.67 -13.68
N SER C 37 -18.97 -7.60 -12.37
CA SER C 37 -19.98 -8.43 -11.73
C SER C 37 -21.38 -8.02 -12.14
N ARG C 38 -21.66 -6.72 -12.11
CA ARG C 38 -23.02 -6.27 -12.43
C ARG C 38 -23.39 -6.66 -13.85
N ARG C 39 -22.45 -6.53 -14.77
CA ARG C 39 -22.65 -6.92 -16.15
C ARG C 39 -22.96 -8.39 -16.26
N GLN C 40 -22.17 -9.24 -15.58
CA GLN C 40 -22.56 -10.64 -15.59
C GLN C 40 -23.99 -10.82 -15.10
N ARG C 41 -24.40 -10.05 -14.09
CA ARG C 41 -25.77 -10.21 -13.60
C ARG C 41 -26.77 -9.83 -14.68
N ARG C 42 -26.50 -8.73 -15.40
CA ARG C 42 -27.41 -8.31 -16.45
C ARG C 42 -27.45 -9.37 -17.56
N LEU C 43 -26.29 -9.86 -17.97
CA LEU C 43 -26.28 -10.86 -19.02
C LEU C 43 -27.03 -12.09 -18.57
N ARG C 44 -26.81 -12.53 -17.35
CA ARG C 44 -27.51 -13.72 -16.90
C ARG C 44 -29.01 -13.52 -16.80
N LYS C 45 -29.45 -12.37 -16.27
CA LYS C 45 -30.89 -12.14 -16.10
C LYS C 45 -31.59 -12.03 -17.46
N THR C 46 -30.92 -11.41 -18.43
CA THR C 46 -31.50 -11.29 -19.75
C THR C 46 -31.63 -12.65 -20.43
N LEU C 47 -30.52 -13.39 -20.51
CA LEU C 47 -30.43 -14.63 -21.26
C LEU C 47 -31.11 -15.82 -20.60
N ASN C 48 -31.80 -15.59 -19.49
CA ASN C 48 -32.42 -16.63 -18.67
C ASN C 48 -31.51 -17.84 -18.52
N PHE C 49 -30.30 -17.57 -18.05
CA PHE C 49 -29.24 -18.56 -17.89
C PHE C 49 -28.78 -18.56 -16.45
N LYS C 50 -29.66 -18.91 -15.53
CA LYS C 50 -29.37 -18.74 -14.11
C LYS C 50 -28.58 -19.93 -13.53
N MET C 51 -27.49 -19.60 -12.83
CA MET C 51 -26.72 -20.62 -12.10
C MET C 51 -27.55 -21.20 -10.96
N GLY C 52 -28.11 -20.33 -10.12
CA GLY C 52 -28.79 -20.80 -8.93
C GLY C 52 -30.19 -20.32 -8.65
N ASN C 53 -31.14 -21.25 -8.59
CA ASN C 53 -32.49 -20.95 -8.14
C ASN C 53 -32.52 -21.05 -6.63
N ARG C 54 -33.23 -20.13 -5.98
CA ARG C 54 -33.33 -20.10 -4.52
C ARG C 54 -33.34 -21.50 -3.93
N HIS C 55 -32.51 -21.69 -2.91
CA HIS C 55 -32.42 -22.88 -2.06
C HIS C 55 -31.53 -23.98 -2.67
N LYS C 56 -31.05 -23.82 -3.91
CA LYS C 56 -30.19 -24.82 -4.54
C LYS C 56 -29.26 -24.13 -5.52
N PHE C 57 -28.12 -24.76 -5.78
CA PHE C 57 -27.15 -24.23 -6.73
C PHE C 57 -26.90 -25.27 -7.81
N THR C 58 -26.72 -24.80 -9.05
CA THR C 58 -26.36 -25.67 -10.16
C THR C 58 -25.20 -25.07 -10.92
N GLY C 59 -24.26 -25.92 -11.28
CA GLY C 59 -23.15 -25.52 -12.09
C GLY C 59 -23.60 -24.99 -13.43
N LYS C 60 -23.09 -23.81 -13.78
CA LYS C 60 -23.25 -23.27 -15.11
C LYS C 60 -22.22 -23.93 -16.01
N LYS C 61 -22.67 -24.65 -17.02
CA LYS C 61 -21.77 -25.19 -18.02
C LYS C 61 -22.14 -24.51 -19.33
N VAL C 62 -21.22 -23.71 -19.86
CA VAL C 62 -21.45 -23.07 -21.14
C VAL C 62 -21.15 -24.08 -22.24
N THR C 63 -22.15 -24.88 -22.60
CA THR C 63 -21.98 -25.90 -23.61
C THR C 63 -21.82 -25.28 -24.99
N GLU C 64 -21.73 -26.15 -26.00
CA GLU C 64 -21.43 -25.68 -27.34
C GLU C 64 -22.65 -25.13 -28.08
N ASP C 65 -23.86 -25.59 -27.77
CA ASP C 65 -25.01 -25.18 -28.56
C ASP C 65 -25.18 -23.67 -28.52
N LEU C 66 -25.48 -23.14 -27.33
CA LEU C 66 -25.86 -21.74 -27.21
C LEU C 66 -24.77 -20.83 -27.74
N LEU C 67 -23.60 -21.38 -28.06
CA LEU C 67 -22.50 -20.63 -28.64
C LEU C 67 -22.86 -20.01 -29.97
N THR C 68 -24.01 -20.32 -30.54
CA THR C 68 -24.35 -19.60 -31.76
C THR C 68 -24.60 -18.14 -31.46
N ASP C 69 -25.05 -17.83 -30.24
CA ASP C 69 -25.48 -16.47 -29.95
C ASP C 69 -24.35 -15.44 -30.01
N ASN C 70 -23.11 -15.82 -30.29
CA ASN C 70 -21.97 -14.89 -30.34
C ASN C 70 -21.99 -13.86 -29.20
N ARG C 71 -22.84 -14.12 -28.20
CA ARG C 71 -23.12 -13.25 -27.07
C ARG C 71 -22.80 -13.89 -25.73
N TYR C 72 -22.86 -15.23 -25.63
CA TYR C 72 -22.60 -15.94 -24.38
C TYR C 72 -21.13 -15.97 -24.00
N LEU C 73 -20.22 -16.07 -24.97
CA LEU C 73 -18.80 -16.02 -24.63
C LEU C 73 -18.49 -14.84 -23.74
N LEU C 74 -19.16 -13.70 -23.97
CA LEU C 74 -18.90 -12.54 -23.12
C LEU C 74 -19.10 -12.91 -21.65
N LEU C 75 -20.06 -13.80 -21.35
CA LEU C 75 -20.32 -14.16 -19.96
C LEU C 75 -19.07 -14.75 -19.30
N VAL C 76 -18.49 -15.77 -19.93
CA VAL C 76 -17.29 -16.37 -19.37
C VAL C 76 -16.15 -15.38 -19.36
N LEU C 77 -16.02 -14.60 -20.43
CA LEU C 77 -15.02 -13.56 -20.43
C LEU C 77 -15.18 -12.67 -19.21
N MET C 78 -16.40 -12.40 -18.81
CA MET C 78 -16.59 -11.62 -17.61
C MET C 78 -16.21 -12.38 -16.34
N ASP C 79 -16.40 -13.68 -16.29
CA ASP C 79 -15.87 -14.38 -15.12
C ASP C 79 -14.36 -14.19 -15.04
N ALA C 80 -13.69 -14.37 -16.17
CA ALA C 80 -12.23 -14.27 -16.19
C ALA C 80 -11.78 -12.86 -15.85
N GLU C 81 -12.42 -11.85 -16.41
CA GLU C 81 -12.00 -10.51 -16.06
C GLU C 81 -12.25 -10.25 -14.59
N ARG C 82 -13.33 -10.78 -14.03
CA ARG C 82 -13.63 -10.51 -12.63
C ARG C 82 -12.51 -11.02 -11.74
N ALA C 83 -12.11 -12.27 -11.95
CA ALA C 83 -11.00 -12.77 -11.14
C ALA C 83 -9.78 -11.90 -11.35
N TRP C 84 -9.37 -11.72 -12.60
CA TRP C 84 -8.14 -10.98 -12.85
C TRP C 84 -8.15 -9.63 -12.16
N SER C 85 -9.28 -8.93 -12.20
CA SER C 85 -9.34 -7.64 -11.54
C SER C 85 -9.13 -7.78 -10.04
N TYR C 86 -9.87 -8.69 -9.42
CA TYR C 86 -9.70 -8.88 -7.98
C TYR C 86 -8.22 -9.12 -7.66
N ALA C 87 -7.54 -9.92 -8.47
CA ALA C 87 -6.13 -10.19 -8.19
C ALA C 87 -5.33 -8.90 -8.17
N MET C 88 -5.47 -8.07 -9.18
CA MET C 88 -4.68 -6.86 -9.16
C MET C 88 -5.05 -6.01 -7.95
N GLN C 89 -6.32 -6.08 -7.52
CA GLN C 89 -6.72 -5.29 -6.35
C GLN C 89 -5.94 -5.74 -5.16
N LEU C 90 -5.78 -7.05 -5.01
CA LEU C 90 -5.05 -7.55 -3.87
C LEU C 90 -3.59 -7.12 -3.96
N LYS C 91 -2.96 -7.29 -5.12
CA LYS C 91 -1.60 -6.81 -5.29
C LYS C 91 -1.42 -5.40 -4.76
N GLN C 92 -2.43 -4.55 -4.91
CA GLN C 92 -2.33 -3.25 -4.26
C GLN C 92 -2.51 -3.38 -2.74
N GLU C 93 -3.47 -4.16 -2.26
CA GLU C 93 -3.59 -4.24 -0.80
C GLU C 93 -2.46 -5.03 -0.12
N ALA C 94 -1.62 -5.75 -0.87
CA ALA C 94 -0.63 -6.61 -0.25
C ALA C 94 0.60 -5.84 0.16
N ASN C 95 0.89 -4.73 -0.50
CA ASN C 95 1.99 -3.88 -0.05
C ASN C 95 1.86 -3.53 1.42
N THR C 96 0.68 -3.69 2.01
CA THR C 96 0.56 -3.47 3.44
C THR C 96 -0.20 -4.58 4.15
N GLU C 97 -0.33 -5.76 3.58
CA GLU C 97 -1.02 -6.80 4.36
C GLU C 97 -0.50 -8.19 4.04
N PRO C 98 0.79 -8.35 3.72
CA PRO C 98 1.23 -9.42 2.82
C PRO C 98 0.44 -10.72 2.73
N ARG C 99 -0.36 -11.08 3.71
CA ARG C 99 -1.06 -12.35 3.55
C ARG C 99 -2.05 -12.28 2.39
N LYS C 100 -2.51 -11.09 2.05
CA LYS C 100 -3.32 -10.90 0.85
C LYS C 100 -2.70 -11.55 -0.38
N ARG C 101 -1.38 -11.60 -0.47
CA ARG C 101 -0.77 -12.16 -1.67
C ARG C 101 -1.33 -13.54 -1.97
N PHE C 102 -1.64 -14.31 -0.94
CA PHE C 102 -2.07 -15.66 -1.22
C PHE C 102 -3.40 -15.67 -1.92
N HIS C 103 -4.33 -14.84 -1.47
CA HIS C 103 -5.62 -14.74 -2.14
C HIS C 103 -5.42 -14.34 -3.58
N LEU C 104 -4.50 -13.41 -3.78
CA LEU C 104 -4.20 -12.95 -5.13
C LEU C 104 -3.89 -14.13 -6.03
N LEU C 105 -2.96 -14.99 -5.62
CA LEU C 105 -2.57 -16.02 -6.55
C LEU C 105 -3.73 -16.92 -6.87
N SER C 106 -4.58 -17.20 -5.87
CA SER C 106 -5.69 -18.10 -6.12
C SER C 106 -6.52 -17.58 -7.27
N ARG C 107 -6.79 -16.28 -7.27
CA ARG C 107 -7.66 -15.71 -8.28
C ARG C 107 -7.04 -15.83 -9.66
N LEU C 108 -5.76 -15.47 -9.79
CA LEU C 108 -5.20 -15.52 -11.13
C LEU C 108 -5.34 -16.91 -11.68
N ARG C 109 -5.22 -17.91 -10.82
CA ARG C 109 -5.28 -19.27 -11.32
C ARG C 109 -6.66 -19.54 -11.90
N LYS C 110 -7.70 -19.16 -11.16
CA LYS C 110 -9.03 -19.26 -11.71
C LYS C 110 -9.18 -18.37 -12.94
N ALA C 111 -8.56 -17.18 -12.94
CA ALA C 111 -8.71 -16.40 -14.15
C ALA C 111 -8.15 -17.20 -15.31
N VAL C 112 -6.97 -17.77 -15.15
CA VAL C 112 -6.46 -18.54 -16.26
C VAL C 112 -7.39 -19.71 -16.56
N LYS C 113 -7.93 -20.35 -15.52
CA LYS C 113 -8.77 -21.51 -15.79
C LYS C 113 -9.96 -21.13 -16.66
N HIS C 114 -10.58 -19.98 -16.37
CA HIS C 114 -11.71 -19.58 -17.20
C HIS C 114 -11.27 -19.37 -18.64
N ALA C 115 -10.16 -18.65 -18.83
CA ALA C 115 -9.70 -18.42 -20.18
C ALA C 115 -9.43 -19.74 -20.87
N GLU C 116 -8.83 -20.71 -20.18
CA GLU C 116 -8.57 -21.96 -20.88
C GLU C 116 -9.87 -22.63 -21.28
N GLU C 117 -10.86 -22.64 -20.38
CA GLU C 117 -12.17 -23.16 -20.77
C GLU C 117 -12.77 -22.29 -21.87
N LEU C 118 -12.62 -20.97 -21.74
CA LEU C 118 -13.10 -20.09 -22.79
C LEU C 118 -12.39 -20.40 -24.10
N GLU C 119 -11.07 -20.59 -24.05
CA GLU C 119 -10.38 -20.98 -25.28
C GLU C 119 -10.94 -22.27 -25.82
N ARG C 120 -11.25 -23.23 -24.93
CA ARG C 120 -11.86 -24.49 -25.35
C ARG C 120 -13.17 -24.22 -26.08
N LEU C 121 -13.98 -23.30 -25.55
CA LEU C 121 -15.22 -22.98 -26.26
C LEU C 121 -14.93 -22.45 -27.64
N CYS C 122 -13.91 -21.61 -27.78
CA CYS C 122 -13.69 -21.08 -29.12
C CYS C 122 -13.03 -22.10 -30.05
N GLU C 123 -12.77 -23.32 -29.60
CA GLU C 123 -12.34 -24.35 -30.54
C GLU C 123 -13.49 -24.84 -31.43
N SER C 124 -14.74 -24.53 -31.08
CA SER C 124 -15.92 -24.90 -31.86
C SER C 124 -15.87 -24.44 -33.31
N ASN C 125 -16.40 -25.27 -34.19
CA ASN C 125 -16.49 -24.94 -35.60
C ASN C 125 -17.50 -23.83 -35.89
N ARG C 126 -18.23 -23.36 -34.89
CA ARG C 126 -19.15 -22.25 -35.05
C ARG C 126 -18.53 -20.88 -34.82
N VAL C 127 -17.25 -20.78 -34.49
CA VAL C 127 -16.65 -19.49 -34.19
C VAL C 127 -15.54 -19.19 -35.20
N ASP C 128 -15.43 -17.92 -35.60
CA ASP C 128 -14.53 -17.49 -36.66
C ASP C 128 -13.07 -17.47 -36.20
N ALA C 129 -12.18 -17.43 -37.18
CA ALA C 129 -10.74 -17.50 -36.90
C ALA C 129 -10.27 -16.32 -36.05
N LYS C 130 -10.78 -15.12 -36.32
CA LYS C 130 -10.27 -13.97 -35.58
C LYS C 130 -10.56 -14.12 -34.09
N THR C 131 -11.75 -14.60 -33.72
CA THR C 131 -12.02 -14.76 -32.31
C THR C 131 -11.18 -15.88 -31.71
N LYS C 132 -10.94 -16.94 -32.47
CA LYS C 132 -10.03 -17.96 -31.95
C LYS C 132 -8.67 -17.36 -31.62
N LEU C 133 -8.14 -16.50 -32.49
CA LEU C 133 -6.85 -15.90 -32.15
C LEU C 133 -6.97 -14.95 -30.96
N GLU C 134 -8.01 -14.12 -30.89
CA GLU C 134 -8.14 -13.26 -29.72
C GLU C 134 -8.16 -14.06 -28.41
N ALA C 135 -8.91 -15.17 -28.38
CA ALA C 135 -8.95 -15.96 -27.14
C ALA C 135 -7.62 -16.66 -26.87
N GLN C 136 -6.99 -17.24 -27.90
CA GLN C 136 -5.69 -17.83 -27.64
C GLN C 136 -4.76 -16.79 -27.04
N ALA C 137 -4.76 -15.57 -27.58
CA ALA C 137 -3.89 -14.54 -27.02
C ALA C 137 -4.30 -14.16 -25.61
N TYR C 138 -5.59 -14.18 -25.29
CA TYR C 138 -5.99 -13.81 -23.94
C TYR C 138 -5.52 -14.86 -22.96
N THR C 139 -5.78 -16.14 -23.25
CA THR C 139 -5.30 -17.20 -22.38
C THR C 139 -3.79 -17.16 -22.24
N ALA C 140 -3.07 -17.03 -23.34
CA ALA C 140 -1.62 -16.93 -23.22
C ALA C 140 -1.25 -15.79 -22.28
N TYR C 141 -1.95 -14.66 -22.39
CA TYR C 141 -1.62 -13.50 -21.56
C TYR C 141 -1.82 -13.79 -20.08
N LEU C 142 -2.95 -14.39 -19.71
CA LEU C 142 -3.13 -14.62 -18.28
C LEU C 142 -2.18 -15.70 -17.76
N SER C 143 -2.05 -16.82 -18.48
CA SER C 143 -1.04 -17.79 -18.13
C SER C 143 0.24 -17.02 -17.82
N GLY C 144 0.53 -16.01 -18.62
CA GLY C 144 1.72 -15.22 -18.40
C GLY C 144 1.72 -14.42 -17.10
N MET C 145 0.62 -13.77 -16.77
CA MET C 145 0.64 -12.99 -15.54
C MET C 145 0.68 -13.87 -14.29
N LEU C 146 -0.03 -14.98 -14.29
CA LEU C 146 0.07 -15.93 -13.18
C LEU C 146 1.51 -16.36 -13.05
N ARG C 147 1.96 -17.15 -14.01
CA ARG C 147 3.32 -17.68 -14.01
C ARG C 147 4.38 -16.58 -13.92
N PHE C 148 3.98 -15.31 -13.90
CA PHE C 148 4.86 -14.21 -13.54
C PHE C 148 4.84 -13.91 -12.05
N GLU C 149 3.66 -13.93 -11.43
CA GLU C 149 3.64 -13.68 -10.00
C GLU C 149 4.28 -14.81 -9.21
N HIS C 150 4.36 -16.02 -9.77
CA HIS C 150 5.14 -17.10 -9.15
C HIS C 150 6.62 -16.98 -9.45
N GLN C 151 7.03 -15.93 -10.16
CA GLN C 151 8.40 -15.65 -10.56
C GLN C 151 9.01 -16.75 -11.42
N GLU C 152 8.16 -17.60 -11.98
CA GLU C 152 8.60 -18.73 -12.81
C GLU C 152 8.90 -18.24 -14.23
N TRP C 153 10.08 -17.66 -14.38
CA TRP C 153 10.36 -16.80 -15.53
C TRP C 153 10.25 -17.54 -16.85
N LYS C 154 10.70 -18.79 -16.91
CA LYS C 154 10.70 -19.46 -18.22
C LYS C 154 9.29 -19.69 -18.72
N ALA C 155 8.37 -20.12 -17.84
CA ALA C 155 6.99 -20.29 -18.27
C ALA C 155 6.35 -18.95 -18.58
N ALA C 156 6.72 -17.92 -17.83
CA ALA C 156 6.21 -16.58 -18.09
C ALA C 156 6.64 -16.10 -19.47
N ILE C 157 7.92 -16.25 -19.79
CA ILE C 157 8.35 -15.82 -21.11
C ILE C 157 7.75 -16.71 -22.19
N GLU C 158 7.50 -17.99 -21.91
CA GLU C 158 6.84 -18.81 -22.92
C GLU C 158 5.46 -18.26 -23.23
N ALA C 159 4.67 -17.97 -22.19
CA ALA C 159 3.33 -17.46 -22.45
C ALA C 159 3.37 -16.07 -23.06
N PHE C 160 4.27 -15.21 -22.61
CA PHE C 160 4.34 -13.88 -23.21
C PHE C 160 4.82 -13.94 -24.66
N ASN C 161 5.75 -14.81 -25.00
CA ASN C 161 6.14 -14.90 -26.40
C ASN C 161 5.02 -15.48 -27.26
N LYS C 162 4.27 -16.45 -26.73
CA LYS C 162 3.07 -16.92 -27.43
C LYS C 162 2.09 -15.78 -27.63
N CYS C 163 1.85 -15.02 -26.58
CA CYS C 163 0.94 -13.88 -26.65
C CYS C 163 1.43 -12.85 -27.66
N LYS C 164 2.67 -12.39 -27.54
CA LYS C 164 3.20 -11.44 -28.50
C LYS C 164 3.08 -11.94 -29.93
N THR C 165 3.44 -13.19 -30.16
CA THR C 165 3.36 -13.71 -31.53
C THR C 165 1.93 -13.68 -32.04
N ILE C 166 0.96 -14.05 -31.19
CA ILE C 166 -0.41 -14.07 -31.67
C ILE C 166 -0.91 -12.65 -31.94
N TYR C 167 -0.77 -11.75 -30.98
CA TYR C 167 -1.27 -10.41 -31.23
C TYR C 167 -0.54 -9.78 -32.41
N GLU C 168 0.72 -10.12 -32.63
CA GLU C 168 1.36 -9.60 -33.83
C GLU C 168 0.73 -10.19 -35.09
N LYS C 169 0.39 -11.48 -35.07
CA LYS C 169 -0.34 -12.05 -36.22
C LYS C 169 -1.63 -11.27 -36.49
N LEU C 170 -2.39 -10.98 -35.45
CA LEU C 170 -3.61 -10.23 -35.72
C LEU C 170 -3.31 -8.83 -36.24
N ALA C 171 -2.36 -8.13 -35.61
CA ALA C 171 -2.03 -6.77 -36.04
C ALA C 171 -1.55 -6.70 -37.48
N SER C 172 -0.88 -7.73 -37.98
CA SER C 172 -0.38 -7.58 -39.35
C SER C 172 -1.45 -7.77 -40.41
N ALA C 173 -2.67 -8.13 -40.02
CA ALA C 173 -3.70 -8.47 -41.00
C ALA C 173 -4.66 -7.34 -41.31
N PHE C 174 -4.87 -6.37 -40.42
CA PHE C 174 -5.90 -5.40 -40.73
C PHE C 174 -5.32 -4.00 -40.87
N THR C 175 -6.15 -3.00 -40.63
CA THR C 175 -5.76 -1.63 -40.83
C THR C 175 -4.79 -1.23 -39.74
N GLU C 176 -3.86 -0.35 -40.09
CA GLU C 176 -3.04 0.24 -39.04
C GLU C 176 -3.89 0.98 -37.99
N GLU C 177 -5.01 1.54 -38.41
CA GLU C 177 -5.91 2.21 -37.45
C GLU C 177 -6.42 1.23 -36.39
N GLN C 178 -6.88 0.05 -36.79
CA GLN C 178 -7.25 -0.97 -35.82
C GLN C 178 -6.02 -1.65 -35.22
N ALA C 179 -4.91 -1.67 -35.97
CA ALA C 179 -3.68 -2.29 -35.47
C ALA C 179 -3.17 -1.55 -34.25
N VAL C 180 -3.52 -0.28 -34.09
CA VAL C 180 -2.99 0.50 -32.98
C VAL C 180 -3.24 -0.19 -31.66
N LEU C 181 -4.45 -0.71 -31.45
CA LEU C 181 -4.73 -1.35 -30.18
C LEU C 181 -3.83 -2.54 -29.95
N TYR C 182 -3.67 -3.39 -30.95
CA TYR C 182 -2.85 -4.58 -30.79
C TYR C 182 -1.38 -4.22 -30.56
N ASN C 183 -0.85 -3.26 -31.32
CA ASN C 183 0.51 -2.81 -31.06
C ASN C 183 0.62 -2.27 -29.65
N GLN C 184 -0.45 -1.64 -29.14
CA GLN C 184 -0.43 -1.16 -27.76
C GLN C 184 -0.39 -2.30 -26.75
N ARG C 185 -0.98 -3.45 -27.05
CA ARG C 185 -0.88 -4.54 -26.07
C ARG C 185 0.54 -5.09 -26.04
N VAL C 186 1.16 -5.25 -27.21
CA VAL C 186 2.50 -5.80 -27.16
C VAL C 186 3.45 -4.82 -26.49
N GLU C 187 3.38 -3.54 -26.84
CA GLU C 187 4.17 -2.57 -26.11
C GLU C 187 3.81 -2.59 -24.63
N GLU C 188 2.56 -2.90 -24.32
CA GLU C 188 2.10 -2.82 -22.95
C GLU C 188 2.77 -3.90 -22.08
N ILE C 189 3.00 -5.11 -22.61
CA ILE C 189 3.67 -6.16 -21.83
C ILE C 189 5.15 -6.34 -22.16
N SER C 190 5.71 -5.55 -23.05
CA SER C 190 7.14 -5.73 -23.33
C SER C 190 8.03 -5.64 -22.10
N PRO C 191 7.87 -4.68 -21.17
CA PRO C 191 8.81 -4.62 -20.05
C PRO C 191 8.89 -5.91 -19.25
N ASN C 192 7.75 -6.58 -19.04
CA ASN C 192 7.82 -7.89 -18.40
C ASN C 192 8.67 -8.84 -19.21
N ILE C 193 8.58 -8.77 -20.53
CA ILE C 193 9.41 -9.66 -21.33
C ILE C 193 10.88 -9.41 -21.05
N ARG C 194 11.30 -8.13 -21.09
CA ARG C 194 12.72 -7.86 -20.82
C ARG C 194 13.13 -8.30 -19.42
N TYR C 195 12.23 -8.15 -18.45
CA TYR C 195 12.54 -8.59 -17.09
C TYR C 195 12.71 -10.09 -17.06
N CYS C 196 11.81 -10.83 -17.74
CA CYS C 196 11.98 -12.28 -17.81
C CYS C 196 13.33 -12.64 -18.39
N ALA C 197 13.72 -12.00 -19.48
CA ALA C 197 15.01 -12.36 -20.07
C ALA C 197 16.14 -12.11 -19.09
N TYR C 198 16.13 -10.96 -18.40
CA TYR C 198 17.21 -10.71 -17.46
C TYR C 198 17.21 -11.68 -16.30
N ASN C 199 16.08 -12.26 -15.96
CA ASN C 199 16.15 -13.28 -14.94
C ASN C 199 16.58 -14.64 -15.49
N ILE C 200 16.48 -14.86 -16.79
CA ILE C 200 16.96 -16.14 -17.31
C ILE C 200 18.46 -16.10 -17.55
N GLY C 201 18.96 -15.01 -18.10
CA GLY C 201 20.37 -14.95 -18.47
C GLY C 201 21.29 -14.55 -17.32
N ASP C 202 20.82 -14.76 -16.09
CA ASP C 202 21.59 -14.40 -14.91
C ASP C 202 22.64 -15.47 -14.58
N GLN C 203 22.30 -16.73 -14.77
CA GLN C 203 23.19 -17.84 -14.43
C GLN C 203 24.43 -17.84 -15.29
N LYS D 47 -53.56 9.32 -41.46
CA LYS D 47 -54.91 9.51 -41.96
C LYS D 47 -55.61 8.17 -42.14
N LYS D 48 -54.84 7.08 -42.09
CA LYS D 48 -55.42 5.75 -42.22
C LYS D 48 -56.65 5.62 -41.33
N LYS D 49 -56.47 5.87 -40.03
CA LYS D 49 -57.54 6.03 -39.07
C LYS D 49 -58.38 4.77 -38.90
N GLY D 50 -57.85 3.63 -39.34
CA GLY D 50 -58.66 2.43 -39.46
C GLY D 50 -59.97 2.77 -40.13
N LYS D 51 -59.89 3.10 -41.42
CA LYS D 51 -60.93 3.74 -42.23
C LYS D 51 -61.09 5.20 -41.79
N LEU D 52 -62.14 5.87 -42.26
CA LEU D 52 -62.32 7.30 -42.04
C LEU D 52 -63.76 7.73 -42.26
N PRO D 53 -64.54 7.03 -43.09
CA PRO D 53 -65.99 7.26 -43.09
C PRO D 53 -66.57 7.36 -41.69
N LYS D 54 -66.35 6.31 -40.89
CA LYS D 54 -66.79 6.32 -39.51
C LYS D 54 -66.22 7.52 -38.77
N ASN D 55 -65.05 8.00 -39.20
CA ASN D 55 -64.44 9.16 -38.54
C ASN D 55 -65.46 10.29 -38.40
N TYR D 56 -66.26 10.53 -39.45
CA TYR D 56 -67.33 11.52 -39.33
C TYR D 56 -68.68 10.90 -39.05
N ASP D 57 -68.86 9.59 -39.30
CA ASP D 57 -70.18 9.00 -39.13
C ASP D 57 -70.66 9.09 -37.68
N PRO D 58 -69.83 8.17 -36.39
CA PRO D 58 -70.18 8.42 -34.97
C PRO D 58 -69.63 9.73 -34.43
N LYS D 59 -70.32 10.82 -34.76
CA LYS D 59 -70.23 12.09 -34.06
C LYS D 59 -68.85 12.77 -34.20
N VAL D 60 -68.18 12.53 -35.33
CA VAL D 60 -67.25 13.45 -36.00
C VAL D 60 -65.79 13.23 -35.61
N THR D 61 -65.54 12.68 -34.44
CA THR D 61 -64.18 12.62 -33.91
C THR D 61 -64.21 11.72 -32.69
N PRO D 62 -63.05 11.18 -32.27
CA PRO D 62 -63.06 10.37 -31.04
C PRO D 62 -63.23 11.26 -29.82
N ASP D 63 -63.17 10.68 -28.62
CA ASP D 63 -63.34 11.49 -27.41
C ASP D 63 -62.47 12.72 -27.58
N PRO D 64 -62.93 13.94 -27.26
CA PRO D 64 -62.05 15.09 -27.47
C PRO D 64 -60.76 14.99 -26.68
N GLU D 65 -60.81 14.35 -25.49
CA GLU D 65 -59.60 14.07 -24.71
C GLU D 65 -58.65 13.22 -25.53
N ARG D 66 -59.19 12.21 -26.21
CA ARG D 66 -58.64 11.71 -27.47
C ARG D 66 -57.31 11.05 -27.15
N TRP D 67 -56.23 11.54 -27.68
CA TRP D 67 -54.94 11.14 -27.23
C TRP D 67 -54.39 12.26 -26.35
N LEU D 68 -53.60 11.84 -25.31
CA LEU D 68 -53.13 12.55 -24.12
C LEU D 68 -52.80 11.46 -23.08
N PRO D 69 -52.48 11.77 -21.80
CA PRO D 69 -52.18 10.66 -20.86
C PRO D 69 -53.40 9.80 -20.56
N MET D 70 -53.22 8.48 -20.65
CA MET D 70 -54.38 7.59 -20.55
C MET D 70 -55.02 7.65 -19.16
N ARG D 71 -54.22 7.86 -18.12
CA ARG D 71 -54.77 8.08 -16.79
C ARG D 71 -55.41 9.44 -16.66
N GLU D 72 -55.14 10.34 -17.60
CA GLU D 72 -55.64 11.72 -17.56
C GLU D 72 -57.03 11.87 -18.17
N ARG D 73 -57.41 10.95 -19.05
CA ARG D 73 -58.65 11.07 -19.79
C ARG D 73 -59.84 10.88 -18.85
N SER D 74 -61.04 11.23 -19.31
CA SER D 74 -62.16 11.28 -18.40
C SER D 74 -62.88 9.95 -18.24
N TYR D 75 -62.62 8.97 -19.10
CA TYR D 75 -62.96 7.61 -18.73
C TYR D 75 -62.34 7.31 -17.37
N TYR D 76 -61.11 7.79 -17.16
CA TYR D 76 -60.49 7.89 -15.83
C TYR D 76 -60.21 6.52 -15.23
N ARG D 77 -60.00 5.48 -16.04
CA ARG D 77 -59.68 4.21 -15.42
C ARG D 77 -58.22 4.17 -15.01
N GLY D 78 -57.97 3.54 -13.84
CA GLY D 78 -56.67 3.45 -13.20
C GLY D 78 -56.17 2.04 -13.05
N ARG D 79 -56.81 1.11 -13.76
CA ARG D 79 -56.19 -0.16 -14.12
C ARG D 79 -55.87 -1.03 -12.91
N LYS D 80 -56.74 -1.05 -11.91
CA LYS D 80 -56.43 -1.80 -10.70
C LYS D 80 -56.13 -3.28 -11.00
N LYS D 81 -57.16 -4.11 -11.11
CA LYS D 81 -56.96 -5.56 -11.14
C LYS D 81 -56.09 -6.02 -12.30
N GLY D 82 -55.69 -5.11 -13.15
CA GLY D 82 -54.91 -5.51 -14.30
C GLY D 82 -53.48 -5.29 -13.94
N LYS D 83 -53.21 -4.18 -13.26
CA LYS D 83 -51.93 -4.05 -12.59
C LYS D 83 -51.74 -5.23 -11.67
N LYS D 84 -52.62 -5.37 -10.67
CA LYS D 84 -52.48 -6.48 -9.72
C LYS D 84 -52.21 -7.80 -10.45
N LYS D 85 -52.98 -8.11 -11.49
CA LYS D 85 -52.65 -9.32 -12.23
C LYS D 85 -51.25 -9.27 -12.84
N ASP D 86 -50.74 -8.09 -13.18
CA ASP D 86 -49.42 -8.09 -13.81
C ASP D 86 -48.28 -8.05 -12.79
N GLN D 87 -48.40 -7.28 -11.72
CA GLN D 87 -47.52 -7.47 -10.58
C GLN D 87 -47.39 -8.96 -10.26
N ILE D 88 -48.47 -9.56 -9.74
CA ILE D 88 -48.41 -10.97 -9.34
C ILE D 88 -47.81 -11.83 -10.42
N GLY D 89 -48.03 -11.47 -11.67
CA GLY D 89 -47.39 -12.26 -12.70
C GLY D 89 -45.89 -12.12 -12.70
N LYS D 90 -45.40 -10.89 -12.76
CA LYS D 90 -43.96 -10.68 -12.83
C LYS D 90 -43.29 -11.25 -11.60
N GLY D 91 -43.77 -10.87 -10.41
CA GLY D 91 -43.24 -11.37 -9.17
C GLY D 91 -43.07 -12.87 -9.21
N THR D 92 -44.16 -13.61 -9.22
CA THR D 92 -44.08 -15.07 -9.11
C THR D 92 -43.23 -15.72 -10.20
N GLN D 93 -42.76 -14.96 -11.20
CA GLN D 93 -41.81 -15.35 -12.28
C GLN D 93 -42.45 -15.37 -13.67
O3A GTP E 1 39.08 -10.12 61.90
PA GTP E 1 38.92 -11.60 61.98
O2A GTP E 1 37.59 -12.23 61.77
O5' GTP E 1 39.95 -12.26 60.96
C5' GTP E 1 40.08 -11.79 59.62
C4' GTP E 1 40.75 -12.83 58.74
O4' GTP E 1 40.19 -14.14 59.05
C3' GTP E 1 40.57 -12.67 57.24
O3' GTP E 1 41.51 -11.79 56.64
C2' GTP E 1 40.71 -14.11 56.74
O2' GTP E 1 42.08 -14.49 56.67
C1' GTP E 1 40.04 -14.88 57.87
N9 GTP E 1 38.60 -15.07 57.63
C8 GTP E 1 37.59 -14.84 58.54
N7 GTP E 1 36.41 -15.09 58.06
C5 GTP E 1 36.64 -15.51 56.76
C6 GTP E 1 35.74 -15.92 55.76
O6 GTP E 1 34.50 -16.00 55.81
N1 GTP E 1 36.40 -16.28 54.59
C2 GTP E 1 37.77 -16.23 54.41
N2 GTP E 1 38.23 -16.61 53.21
N3 GTP E 1 38.62 -15.85 55.33
C4 GTP E 1 37.99 -15.52 56.48
N ARG F 14 -32.46 52.40 -38.24
CA ARG F 14 -31.37 51.43 -38.08
C ARG F 14 -30.01 52.11 -38.21
N PHE F 15 -29.90 53.29 -37.59
CA PHE F 15 -28.63 54.01 -37.45
C PHE F 15 -27.82 53.36 -36.32
N ILE F 16 -26.49 53.33 -36.48
CA ILE F 16 -25.60 52.66 -35.49
C ILE F 16 -25.45 53.49 -34.20
N CYS F 17 -24.98 52.82 -33.14
CA CYS F 17 -24.86 53.40 -31.80
C CYS F 17 -23.41 53.55 -31.34
N ILE F 18 -23.17 54.61 -30.57
CA ILE F 18 -21.92 54.88 -29.85
C ILE F 18 -22.24 55.39 -28.46
N TYR F 19 -21.71 54.69 -27.37
CA TYR F 19 -21.89 55.19 -26.00
C TYR F 19 -20.62 55.84 -25.45
N PRO F 20 -20.79 56.84 -24.57
CA PRO F 20 -19.61 57.52 -24.00
C PRO F 20 -18.64 56.56 -23.38
N ALA F 21 -19.16 55.53 -22.69
CA ALA F 21 -18.31 54.56 -22.00
C ALA F 21 -17.30 53.93 -22.93
N TYR F 22 -17.64 53.77 -24.21
CA TYR F 22 -16.70 53.16 -25.15
C TYR F 22 -15.39 53.92 -25.17
N LEU F 23 -15.40 55.19 -24.78
CA LEU F 23 -14.19 56.01 -24.77
C LEU F 23 -13.70 56.41 -23.39
N ASN F 24 -14.34 55.96 -22.31
CA ASN F 24 -13.96 56.43 -20.98
C ASN F 24 -12.73 55.68 -20.48
N ASN F 25 -11.60 56.37 -20.38
CA ASN F 25 -10.35 55.73 -20.02
C ASN F 25 -10.30 55.29 -18.57
N LYS F 26 -11.30 55.64 -17.77
CA LYS F 26 -11.37 55.21 -16.39
C LYS F 26 -12.33 54.04 -16.22
N LYS F 27 -12.77 53.46 -17.33
CA LYS F 27 -13.64 52.30 -17.29
C LYS F 27 -12.93 51.08 -17.85
N THR F 28 -13.36 49.94 -17.35
CA THR F 28 -12.81 48.66 -17.73
C THR F 28 -13.54 48.12 -18.94
N ILE F 29 -13.04 46.99 -19.45
CA ILE F 29 -13.72 46.34 -20.56
C ILE F 29 -15.12 45.90 -20.14
N ALA F 30 -15.25 45.36 -18.94
CA ALA F 30 -16.60 45.00 -18.48
C ALA F 30 -17.48 46.23 -18.34
N GLU F 31 -16.89 47.39 -18.03
CA GLU F 31 -17.67 48.60 -17.88
C GLU F 31 -18.02 49.28 -19.21
N GLY F 32 -17.51 48.79 -20.33
CA GLY F 32 -17.90 49.28 -21.66
C GLY F 32 -16.79 49.83 -22.54
N ARG F 33 -15.59 50.09 -22.04
CA ARG F 33 -14.54 50.65 -22.88
C ARG F 33 -14.19 49.68 -24.01
N ARG F 34 -14.02 50.21 -25.21
CA ARG F 34 -13.78 49.41 -26.42
C ARG F 34 -12.43 49.63 -27.08
N ILE F 35 -11.67 50.62 -26.65
CA ILE F 35 -10.40 50.97 -27.31
C ILE F 35 -9.29 50.87 -26.27
N PRO F 36 -8.05 50.74 -26.72
CA PRO F 36 -6.92 50.73 -25.78
C PRO F 36 -6.86 51.98 -24.92
N ILE F 37 -6.38 51.81 -23.69
CA ILE F 37 -6.32 52.91 -22.73
C ILE F 37 -5.43 54.03 -23.24
N SER F 38 -4.38 53.68 -23.99
CA SER F 38 -3.48 54.71 -24.51
C SER F 38 -4.25 55.74 -25.33
N LYS F 39 -5.27 55.32 -26.08
CA LYS F 39 -6.03 56.22 -26.92
C LYS F 39 -7.32 56.73 -26.28
N ALA F 40 -7.81 56.07 -25.23
CA ALA F 40 -9.05 56.52 -24.60
C ALA F 40 -8.81 57.85 -23.88
N VAL F 41 -9.90 58.51 -23.54
CA VAL F 41 -9.85 59.82 -22.90
C VAL F 41 -10.63 59.77 -21.60
N GLU F 42 -10.49 60.83 -20.82
CA GLU F 42 -11.11 60.89 -19.51
C GLU F 42 -12.53 61.43 -19.61
N ASN F 43 -13.48 60.70 -19.01
CA ASN F 43 -14.90 61.08 -18.91
C ASN F 43 -15.49 61.74 -20.16
N PRO F 44 -15.34 61.15 -21.34
CA PRO F 44 -15.97 61.75 -22.53
C PRO F 44 -17.49 61.72 -22.42
N THR F 45 -18.12 62.77 -22.93
CA THR F 45 -19.57 62.89 -22.92
C THR F 45 -20.11 62.85 -24.34
N ALA F 46 -21.41 62.57 -24.44
CA ALA F 46 -22.06 62.52 -25.75
C ALA F 46 -21.95 63.84 -26.47
N THR F 47 -21.96 64.95 -25.71
CA THR F 47 -21.84 66.27 -26.30
C THR F 47 -20.50 66.44 -27.01
N GLU F 48 -19.41 66.04 -26.36
CA GLU F 48 -18.09 66.15 -26.97
C GLU F 48 -17.98 65.24 -28.19
N ILE F 49 -18.50 64.03 -28.10
CA ILE F 49 -18.47 63.12 -29.24
C ILE F 49 -19.15 63.77 -30.43
N GLN F 50 -20.36 64.32 -30.21
CA GLN F 50 -21.07 64.99 -31.30
C GLN F 50 -20.26 66.14 -31.88
N ASP F 51 -19.64 66.96 -31.01
CA ASP F 51 -18.91 68.11 -31.53
C ASP F 51 -17.75 67.67 -32.43
N VAL F 52 -16.99 66.66 -31.99
CA VAL F 52 -15.82 66.25 -32.78
C VAL F 52 -16.20 65.47 -34.04
N CYS F 53 -17.25 64.65 -33.98
CA CYS F 53 -17.64 63.92 -35.18
C CYS F 53 -18.38 64.82 -36.17
N SER F 54 -18.95 65.92 -35.70
CA SER F 54 -19.66 66.84 -36.60
C SER F 54 -18.76 67.33 -37.73
N ALA F 55 -17.48 67.56 -37.42
CA ALA F 55 -16.55 68.08 -38.42
C ALA F 55 -16.36 67.11 -39.59
N VAL F 56 -16.47 65.81 -39.34
CA VAL F 56 -16.15 64.78 -40.33
C VAL F 56 -17.36 64.45 -41.19
N GLY F 57 -18.43 65.21 -41.04
CA GLY F 57 -19.63 64.92 -41.79
C GLY F 57 -20.57 64.21 -40.87
N LEU F 58 -21.46 65.00 -40.26
CA LEU F 58 -22.34 64.52 -39.20
C LEU F 58 -23.70 64.13 -39.76
N ASN F 59 -23.73 62.98 -40.42
CA ASN F 59 -25.01 62.30 -40.64
C ASN F 59 -25.43 61.53 -39.39
N VAL F 60 -25.22 62.13 -38.22
CA VAL F 60 -25.45 61.49 -36.94
C VAL F 60 -26.19 62.47 -36.05
N PHE F 61 -26.88 61.95 -35.05
CA PHE F 61 -27.55 62.80 -34.08
C PHE F 61 -27.45 62.21 -32.69
N LEU F 62 -27.49 63.09 -31.70
CA LEU F 62 -27.27 62.74 -30.30
C LEU F 62 -28.59 62.62 -29.55
N GLU F 63 -28.73 61.53 -28.81
CA GLU F 63 -29.83 61.29 -27.89
C GLU F 63 -29.27 61.59 -26.49
N LYS F 64 -29.34 62.86 -26.11
CA LYS F 64 -28.84 63.35 -24.82
C LYS F 64 -29.53 62.67 -23.65
N ASN F 65 -30.71 62.10 -23.83
CA ASN F 65 -31.50 61.62 -22.71
C ASN F 65 -31.56 60.12 -22.59
N LYS F 66 -30.78 59.39 -23.36
CA LYS F 66 -30.69 57.95 -23.17
C LYS F 66 -29.41 57.63 -22.40
N MET F 67 -29.47 56.63 -21.50
CA MET F 67 -28.32 56.25 -20.71
C MET F 67 -27.94 54.79 -20.91
N TYR F 68 -26.65 54.52 -20.67
CA TYR F 68 -26.04 53.21 -20.85
C TYR F 68 -26.25 52.32 -19.63
N SER F 69 -26.66 51.07 -19.88
CA SER F 69 -27.01 50.18 -18.76
C SER F 69 -25.85 49.98 -17.80
N ARG F 70 -24.63 49.93 -18.31
CA ARG F 70 -23.47 49.65 -17.48
C ARG F 70 -23.02 50.84 -16.67
N GLU F 71 -23.69 51.96 -16.80
CA GLU F 71 -23.31 53.17 -16.10
C GLU F 71 -24.08 53.23 -14.79
N TRP F 72 -23.36 53.15 -13.69
CA TRP F 72 -23.99 53.25 -12.38
C TRP F 72 -24.17 54.69 -11.93
N ASN F 73 -23.25 55.57 -12.31
CA ASN F 73 -23.26 56.95 -11.84
C ASN F 73 -24.29 57.73 -12.64
N ARG F 74 -25.23 58.36 -11.94
CA ARG F 74 -26.31 59.11 -12.57
C ARG F 74 -25.92 60.58 -12.68
N ASP F 75 -25.02 60.85 -13.62
CA ASP F 75 -24.51 62.19 -13.83
C ASP F 75 -24.57 62.55 -15.31
N VAL F 76 -24.69 63.85 -15.55
CA VAL F 76 -24.85 64.37 -16.91
C VAL F 76 -23.72 63.92 -17.81
N GLN F 77 -22.50 63.82 -17.28
CA GLN F 77 -21.36 63.50 -18.13
C GLN F 77 -21.46 62.09 -18.71
N TYR F 78 -22.12 61.17 -18.01
CA TYR F 78 -22.24 59.81 -18.50
C TYR F 78 -23.55 59.52 -19.24
N ARG F 79 -24.50 60.44 -19.27
CA ARG F 79 -25.65 60.15 -20.11
C ARG F 79 -25.31 60.46 -21.56
N GLY F 80 -26.08 59.90 -22.47
CA GLY F 80 -25.90 60.21 -23.87
C GLY F 80 -25.73 59.00 -24.77
N ARG F 81 -26.20 59.10 -26.00
CA ARG F 81 -25.97 58.08 -27.02
C ARG F 81 -25.85 58.77 -28.37
N VAL F 82 -25.00 58.28 -29.26
CA VAL F 82 -24.88 58.89 -30.59
C VAL F 82 -25.28 57.87 -31.65
N ARG F 83 -26.12 58.30 -32.59
CA ARG F 83 -26.60 57.47 -33.71
C ARG F 83 -25.95 57.95 -34.99
N VAL F 84 -25.44 57.03 -35.82
CA VAL F 84 -24.70 57.38 -37.03
C VAL F 84 -25.24 56.63 -38.23
N GLN F 85 -25.50 57.36 -39.32
CA GLN F 85 -25.80 56.76 -40.62
C GLN F 85 -24.47 56.45 -41.31
N LEU F 86 -24.26 55.18 -41.63
CA LEU F 86 -23.03 54.75 -42.28
C LEU F 86 -23.19 54.51 -43.77
N LYS F 87 -24.39 54.10 -44.19
CA LYS F 87 -24.70 53.82 -45.58
C LYS F 87 -26.05 54.46 -45.91
N GLN F 88 -26.28 54.69 -47.20
CA GLN F 88 -27.55 55.27 -47.64
C GLN F 88 -28.60 54.17 -47.75
N GLU F 89 -28.48 53.16 -46.88
CA GLU F 89 -29.33 51.97 -46.80
C GLU F 89 -29.45 51.23 -48.13
N ASP F 90 -29.04 51.85 -49.24
CA ASP F 90 -29.05 51.18 -50.55
C ASP F 90 -27.89 50.20 -50.72
N GLY F 91 -27.21 49.98 -49.60
CA GLY F 91 -26.10 49.07 -49.49
C GLY F 91 -24.75 49.69 -49.79
N SER F 92 -24.72 50.83 -50.46
CA SER F 92 -23.45 51.53 -50.64
C SER F 92 -23.13 52.34 -49.40
N LEU F 93 -21.84 52.47 -49.10
CA LEU F 93 -21.43 53.19 -47.90
C LEU F 93 -21.74 54.68 -48.04
N CYS F 94 -22.20 55.29 -46.95
CA CYS F 94 -22.36 56.75 -46.95
C CYS F 94 -21.00 57.41 -47.09
N LEU F 95 -20.00 56.86 -46.42
CA LEU F 95 -18.62 57.28 -46.64
C LEU F 95 -17.82 56.00 -46.68
N VAL F 96 -17.15 55.75 -47.80
CA VAL F 96 -16.27 54.58 -47.92
C VAL F 96 -15.14 54.67 -46.89
N GLN F 97 -14.87 55.89 -46.42
CA GLN F 97 -13.71 56.22 -45.59
C GLN F 97 -13.72 55.63 -44.17
N PHE F 98 -14.89 55.41 -43.56
CA PHE F 98 -15.00 54.87 -42.20
C PHE F 98 -15.90 53.65 -42.21
N PRO F 99 -15.34 52.48 -42.54
CA PRO F 99 -16.19 51.29 -42.67
C PRO F 99 -16.69 50.72 -41.36
N SER F 100 -16.24 51.21 -40.20
CA SER F 100 -16.66 50.56 -38.96
C SER F 100 -16.71 51.56 -37.79
N ARG F 101 -17.41 51.14 -36.73
CA ARG F 101 -17.60 51.97 -35.56
C ARG F 101 -16.27 52.32 -34.89
N LYS F 102 -15.35 51.35 -34.81
CA LYS F 102 -14.11 51.51 -34.05
C LYS F 102 -13.35 52.76 -34.49
N SER F 103 -13.20 52.94 -35.81
CA SER F 103 -12.46 54.10 -36.30
C SER F 103 -13.07 55.38 -35.80
N VAL F 104 -14.40 55.40 -35.71
CA VAL F 104 -15.08 56.59 -35.25
C VAL F 104 -14.74 56.83 -33.79
N MET F 105 -14.84 55.79 -32.97
CA MET F 105 -14.52 55.96 -31.56
C MET F 105 -13.10 56.45 -31.38
N LEU F 106 -12.16 55.86 -32.11
CA LEU F 106 -10.76 56.26 -31.99
C LEU F 106 -10.61 57.73 -32.36
N TYR F 107 -11.26 58.12 -33.45
CA TYR F 107 -11.19 59.49 -33.92
C TYR F 107 -11.72 60.44 -32.86
N ALA F 108 -12.87 60.12 -32.28
CA ALA F 108 -13.46 60.96 -31.26
C ALA F 108 -12.51 61.17 -30.10
N ALA F 109 -11.95 60.06 -29.61
CA ALA F 109 -11.04 60.12 -28.46
C ALA F 109 -9.82 60.97 -28.78
N GLU F 110 -9.31 60.89 -30.01
CA GLU F 110 -8.18 61.73 -30.36
C GLU F 110 -8.57 63.20 -30.39
N MET F 111 -9.78 63.52 -30.86
CA MET F 111 -10.14 64.92 -31.08
C MET F 111 -10.64 65.66 -29.83
N ILE F 112 -11.29 64.98 -28.89
CA ILE F 112 -11.87 65.64 -27.71
C ILE F 112 -10.87 66.55 -26.97
N PRO F 113 -9.60 66.13 -26.81
CA PRO F 113 -8.65 66.99 -26.12
C PRO F 113 -8.41 68.34 -26.78
N LYS F 114 -8.80 68.53 -28.05
CA LYS F 114 -8.58 69.84 -28.64
C LYS F 114 -9.70 70.81 -28.32
N LEU F 115 -10.93 70.31 -28.18
CA LEU F 115 -12.02 71.16 -27.75
C LEU F 115 -11.87 71.51 -26.28
N LYS F 116 -11.48 70.53 -25.46
CA LYS F 116 -11.30 70.82 -24.04
C LYS F 116 -10.25 71.89 -23.83
N THR F 117 -9.22 71.90 -24.67
CA THR F 117 -8.17 72.90 -24.60
C THR F 117 -8.67 74.28 -25.04
N HIS G 5 44.31 13.92 18.22
CA HIS G 5 45.55 13.71 17.48
C HIS G 5 45.39 12.75 16.29
N HIS G 6 44.83 11.56 16.51
CA HIS G 6 44.69 10.60 15.41
C HIS G 6 43.40 9.80 15.55
N HIS G 7 42.67 9.67 14.44
CA HIS G 7 41.35 9.04 14.43
C HIS G 7 41.18 8.13 13.23
N HIS G 8 40.32 7.14 13.39
CA HIS G 8 39.90 6.28 12.28
C HIS G 8 38.43 5.95 12.49
N LEU G 9 37.83 5.27 11.50
CA LEU G 9 36.39 5.00 11.55
C LEU G 9 35.99 3.88 10.60
N GLU G 10 35.49 2.77 11.15
CA GLU G 10 35.14 1.55 10.39
C GLU G 10 33.71 1.64 9.88
N ILE G 11 33.54 2.40 8.81
CA ILE G 11 32.20 2.80 8.39
C ILE G 11 31.33 1.58 8.12
N LEU G 12 31.79 0.66 7.29
CA LEU G 12 30.92 -0.44 6.91
C LEU G 12 30.54 -1.29 8.11
N GLN G 13 31.47 -1.56 9.00
CA GLN G 13 31.14 -2.39 10.15
C GLN G 13 30.11 -1.68 11.00
N ILE G 14 30.24 -0.36 11.13
CA ILE G 14 29.33 0.38 11.98
C ILE G 14 27.94 0.29 11.42
N ILE G 15 27.83 0.52 10.12
CA ILE G 15 26.49 0.49 9.58
C ILE G 15 25.91 -0.92 9.59
N LYS G 16 26.70 -1.96 9.40
CA LYS G 16 26.02 -3.24 9.33
C LYS G 16 25.55 -3.67 10.70
N GLU G 17 26.38 -3.55 11.72
CA GLU G 17 25.91 -3.98 13.03
C GLU G 17 24.79 -3.07 13.54
N SER G 18 24.86 -1.77 13.21
CA SER G 18 23.82 -0.87 13.71
C SER G 18 22.48 -1.16 13.05
N GLN G 19 22.48 -1.33 11.73
CA GLN G 19 21.25 -1.63 11.01
C GLN G 19 20.69 -2.96 11.46
N GLN G 20 21.55 -3.93 11.73
CA GLN G 20 21.07 -5.26 12.08
C GLN G 20 20.38 -5.26 13.43
N GLN G 21 20.93 -4.54 14.39
CA GLN G 21 20.34 -4.59 15.72
C GLN G 21 19.03 -3.79 15.76
N HIS G 22 18.92 -2.72 14.98
CA HIS G 22 17.90 -1.67 15.11
C HIS G 22 16.86 -1.72 13.99
N GLY G 23 16.66 -2.88 13.40
CA GLY G 23 15.47 -3.14 12.62
C GLY G 23 15.73 -3.71 11.25
N LEU G 24 16.82 -3.40 10.57
CA LEU G 24 16.86 -3.76 9.16
C LEU G 24 16.83 -5.26 9.00
N ARG G 25 17.07 -6.00 10.09
CA ARG G 25 17.06 -7.44 9.98
C ARG G 25 15.65 -7.86 9.60
N HIS G 26 14.65 -7.11 10.07
CA HIS G 26 13.29 -7.35 9.64
C HIS G 26 12.80 -6.23 8.73
N GLY G 27 13.68 -5.41 8.14
CA GLY G 27 13.23 -4.60 7.03
C GLY G 27 12.49 -3.36 7.49
N ASP G 28 12.69 -2.93 8.73
CA ASP G 28 12.02 -1.75 9.30
C ASP G 28 12.77 -0.43 9.32
N PHE G 29 12.80 0.20 8.16
CA PHE G 29 13.64 1.37 7.93
C PHE G 29 13.20 2.52 8.79
N GLN G 30 11.93 2.62 9.12
CA GLN G 30 11.55 3.78 9.92
C GLN G 30 12.07 3.70 11.34
N ARG G 31 12.08 2.51 11.94
CA ARG G 31 12.65 2.41 13.28
C ARG G 31 14.12 2.79 13.25
N TYR G 32 14.82 2.39 12.20
CA TYR G 32 16.25 2.67 12.06
C TYR G 32 16.47 4.15 11.90
N ARG G 33 15.64 4.80 11.10
CA ARG G 33 15.75 6.25 11.04
C ARG G 33 15.61 6.82 12.43
N GLY G 34 14.67 6.30 13.21
CA GLY G 34 14.50 6.83 14.56
C GLY G 34 15.71 6.60 15.44
N TYR G 35 16.30 5.43 15.37
CA TYR G 35 17.49 5.16 16.17
C TYR G 35 18.62 6.08 15.73
N CYS G 36 18.79 6.22 14.43
CA CYS G 36 19.86 7.07 13.91
C CYS G 36 19.66 8.51 14.39
N SER G 37 18.44 9.01 14.35
CA SER G 37 18.18 10.38 14.82
C SER G 37 18.50 10.52 16.29
N ARG G 38 18.05 9.55 17.10
CA ARG G 38 18.29 9.63 18.52
C ARG G 38 19.78 9.60 18.81
N ARG G 39 20.51 8.76 18.08
CA ARG G 39 21.94 8.67 18.29
C ARG G 39 22.61 10.00 17.96
N GLN G 40 22.26 10.60 16.84
CA GLN G 40 22.81 11.93 16.61
C GLN G 40 22.48 12.89 17.76
N ARG G 41 21.27 12.85 18.30
CA ARG G 41 20.95 13.80 19.37
C ARG G 41 21.83 13.57 20.58
N ARG G 42 22.04 12.29 20.90
CA ARG G 42 22.88 11.97 22.02
C ARG G 42 24.29 12.46 21.75
N LEU G 43 24.77 12.25 20.53
CA LEU G 43 26.12 12.65 20.24
C LEU G 43 26.28 14.14 20.32
N ARG G 44 25.30 14.91 19.84
CA ARG G 44 25.46 16.35 19.99
C ARG G 44 25.52 16.75 21.46
N LYS G 45 24.68 16.19 22.34
CA LYS G 45 24.79 16.66 23.72
C LYS G 45 26.13 16.30 24.31
N THR G 46 26.64 15.11 24.00
CA THR G 46 27.93 14.73 24.52
C THR G 46 29.03 15.60 23.95
N LEU G 47 28.98 15.84 22.66
CA LEU G 47 29.96 16.61 21.92
C LEU G 47 30.00 18.10 22.18
N ASN G 48 29.17 18.68 23.05
CA ASN G 48 29.08 20.13 23.20
C ASN G 48 29.14 20.79 21.82
N PHE G 49 28.16 20.46 20.99
CA PHE G 49 28.16 20.85 19.58
C PHE G 49 27.02 21.83 19.27
N LYS G 50 27.42 23.08 19.06
CA LYS G 50 26.51 24.22 18.89
C LYS G 50 25.82 24.12 17.54
N MET G 51 24.53 23.82 17.55
CA MET G 51 23.75 23.94 16.31
C MET G 51 22.58 24.89 16.51
N GLY G 52 21.71 24.63 17.49
CA GLY G 52 20.52 25.46 17.63
C GLY G 52 20.29 26.08 18.99
N ASN G 53 20.37 27.40 19.06
CA ASN G 53 20.10 28.16 20.26
C ASN G 53 18.61 28.40 20.44
N ARG G 54 18.27 29.00 21.57
CA ARG G 54 16.90 29.45 21.76
C ARG G 54 16.66 30.69 20.93
N HIS G 55 15.54 30.69 20.21
CA HIS G 55 15.09 31.78 19.37
C HIS G 55 15.94 31.97 18.12
N LYS G 56 17.03 31.22 17.97
CA LYS G 56 17.87 31.35 16.79
C LYS G 56 18.47 30.00 16.44
N PHE G 57 18.68 29.79 15.13
CA PHE G 57 19.22 28.55 14.58
C PHE G 57 20.48 28.86 13.77
N THR G 58 21.52 28.02 13.92
CA THR G 58 22.73 28.19 13.12
C THR G 58 23.27 26.85 12.61
N GLY G 59 23.64 26.84 11.33
CA GLY G 59 24.27 25.68 10.70
C GLY G 59 25.59 25.23 11.30
N LYS G 60 25.69 23.94 11.59
CA LYS G 60 26.93 23.31 12.02
C LYS G 60 27.82 22.94 10.83
N LYS G 61 29.07 23.38 10.86
CA LYS G 61 30.07 22.89 9.91
C LYS G 61 31.12 22.10 10.67
N VAL G 62 31.22 20.81 10.39
CA VAL G 62 32.27 20.03 11.01
C VAL G 62 33.56 20.31 10.25
N THR G 63 34.23 21.39 10.58
CA THR G 63 35.50 21.64 9.95
C THR G 63 36.52 20.64 10.45
N GLU G 64 37.77 20.79 10.01
CA GLU G 64 38.77 19.84 10.43
C GLU G 64 39.24 20.13 11.84
N ASP G 65 39.12 21.38 12.30
CA ASP G 65 39.63 21.76 13.61
C ASP G 65 39.03 20.89 14.70
N LEU G 66 37.72 20.97 14.88
CA LEU G 66 37.10 20.21 15.96
C LEU G 66 37.21 18.70 15.78
N LEU G 67 37.63 18.20 14.62
CA LEU G 67 37.78 16.75 14.46
C LEU G 67 38.77 16.06 15.38
N THR G 68 39.15 16.69 16.47
CA THR G 68 40.04 16.04 17.41
C THR G 68 39.37 14.95 18.25
N ASP G 69 38.11 15.12 18.58
CA ASP G 69 37.34 14.15 19.35
C ASP G 69 37.07 12.79 18.69
N ASN G 70 37.55 12.44 17.49
CA ASN G 70 37.25 11.16 16.82
C ASN G 70 35.80 10.66 16.86
N ARG G 71 34.89 11.49 17.31
CA ARG G 71 33.50 11.18 17.57
C ARG G 71 32.61 11.84 16.54
N TYR G 72 33.10 12.96 16.00
CA TYR G 72 32.42 13.78 15.03
C TYR G 72 32.25 13.11 13.65
N LEU G 73 33.26 12.38 13.16
CA LEU G 73 33.02 11.70 11.89
C LEU G 73 31.78 10.82 11.97
N LEU G 74 31.58 10.12 13.08
CA LEU G 74 30.41 9.28 13.19
C LEU G 74 29.15 10.11 13.11
N LEU G 75 29.19 11.33 13.66
CA LEU G 75 28.04 12.23 13.55
C LEU G 75 27.67 12.50 12.08
N VAL G 76 28.67 12.80 11.24
CA VAL G 76 28.35 13.05 9.83
C VAL G 76 27.87 11.79 9.15
N LEU G 77 28.52 10.68 9.46
CA LEU G 77 28.06 9.43 8.90
C LEU G 77 26.59 9.24 9.24
N MET G 78 26.17 9.56 10.47
CA MET G 78 24.76 9.40 10.77
C MET G 78 23.86 10.30 9.96
N ASP G 79 24.30 11.50 9.56
CA ASP G 79 23.39 12.20 8.66
C ASP G 79 23.20 11.41 7.38
N ALA G 80 24.28 10.88 6.81
CA ALA G 80 24.10 10.21 5.54
C ALA G 80 23.26 8.96 5.71
N GLU G 81 23.50 8.20 6.77
CA GLU G 81 22.70 6.99 6.95
C GLU G 81 21.26 7.32 7.22
N ARG G 82 20.99 8.42 7.91
CA ARG G 82 19.61 8.78 8.20
C ARG G 82 18.82 9.11 6.93
N ALA G 83 19.40 9.91 6.05
CA ALA G 83 18.67 10.20 4.83
C ALA G 83 18.47 8.93 4.03
N TRP G 84 19.52 8.11 3.92
CA TRP G 84 19.40 6.89 3.16
C TRP G 84 18.31 6.00 3.71
N SER G 85 18.17 5.91 5.03
CA SER G 85 17.05 5.10 5.50
C SER G 85 15.74 5.67 5.05
N TYR G 86 15.55 6.98 5.26
CA TYR G 86 14.29 7.57 4.82
C TYR G 86 14.01 7.23 3.38
N ALA G 87 15.04 7.29 2.54
CA ALA G 87 14.86 7.00 1.13
C ALA G 87 14.35 5.58 0.90
N MET G 88 14.90 4.61 1.61
CA MET G 88 14.39 3.27 1.30
C MET G 88 12.95 3.16 1.77
N GLN G 89 12.60 3.89 2.83
CA GLN G 89 11.25 3.84 3.33
C GLN G 89 10.32 4.37 2.27
N LEU G 90 10.72 5.46 1.61
CA LEU G 90 9.84 5.98 0.61
C LEU G 90 9.69 5.00 -0.54
N LYS G 91 10.79 4.39 -0.99
CA LYS G 91 10.68 3.39 -2.05
C LYS G 91 9.62 2.34 -1.73
N GLN G 92 9.53 1.94 -0.47
CA GLN G 92 8.49 0.98 -0.09
C GLN G 92 7.09 1.59 -0.05
N GLU G 93 6.91 2.75 0.59
CA GLU G 93 5.59 3.37 0.57
C GLU G 93 5.14 3.87 -0.80
N ALA G 94 6.01 3.92 -1.81
CA ALA G 94 5.62 4.56 -3.06
C ALA G 94 4.87 3.61 -3.97
N ASN G 95 5.15 2.32 -3.88
CA ASN G 95 4.48 1.32 -4.69
C ASN G 95 2.95 1.45 -4.63
N THR G 96 2.43 2.11 -3.59
CA THR G 96 1.02 2.40 -3.48
C THR G 96 0.78 3.87 -3.20
N GLU G 97 1.77 4.73 -3.48
CA GLU G 97 1.64 6.18 -3.33
C GLU G 97 2.46 6.95 -4.36
N PRO G 98 2.52 6.49 -5.63
CA PRO G 98 3.68 6.72 -6.50
C PRO G 98 4.37 8.06 -6.40
N ARG G 99 3.66 9.08 -5.95
CA ARG G 99 4.32 10.37 -6.04
C ARG G 99 5.42 10.52 -4.98
N LYS G 100 5.34 9.78 -3.88
CA LYS G 100 6.48 9.58 -2.98
C LYS G 100 7.79 9.21 -3.66
N ARG G 101 7.76 8.62 -4.85
CA ARG G 101 9.03 8.35 -5.49
C ARG G 101 9.82 9.64 -5.70
N PHE G 102 9.17 10.74 -5.96
CA PHE G 102 9.93 11.98 -6.07
C PHE G 102 10.62 12.39 -4.76
N HIS G 103 9.95 12.26 -3.61
CA HIS G 103 10.58 12.64 -2.34
C HIS G 103 11.77 11.76 -2.03
N LEU G 104 11.67 10.50 -2.42
CA LEU G 104 12.76 9.57 -2.26
C LEU G 104 13.99 10.13 -2.93
N LEU G 105 13.86 10.59 -4.15
CA LEU G 105 15.08 11.00 -4.82
C LEU G 105 15.74 12.16 -4.10
N SER G 106 14.98 13.06 -3.51
CA SER G 106 15.64 14.20 -2.88
C SER G 106 16.53 13.70 -1.75
N ARG G 107 16.05 12.73 -0.99
CA ARG G 107 16.87 12.28 0.12
C ARG G 107 18.14 11.61 -0.36
N LEU G 108 18.08 10.81 -1.41
CA LEU G 108 19.31 10.18 -1.82
C LEU G 108 20.30 11.24 -2.21
N ARG G 109 19.83 12.30 -2.85
CA ARG G 109 20.79 13.30 -3.26
C ARG G 109 21.46 13.95 -2.07
N LYS G 110 20.70 14.23 -1.03
CA LYS G 110 21.33 14.84 0.12
C LYS G 110 22.30 13.85 0.76
N ALA G 111 21.94 12.56 0.77
CA ALA G 111 22.84 11.60 1.40
C ALA G 111 24.15 11.56 0.66
N VAL G 112 24.13 11.60 -0.66
CA VAL G 112 25.40 11.56 -1.35
C VAL G 112 26.22 12.78 -0.96
N LYS G 113 25.57 13.94 -0.83
CA LYS G 113 26.36 15.11 -0.51
C LYS G 113 27.01 14.95 0.87
N HIS G 114 26.30 14.36 1.84
CA HIS G 114 26.96 14.14 3.11
C HIS G 114 28.10 13.18 2.96
N ALA G 115 27.92 12.10 2.22
CA ALA G 115 29.07 11.23 2.08
C ALA G 115 30.20 11.97 1.43
N GLU G 116 29.89 12.84 0.46
CA GLU G 116 30.99 13.57 -0.14
C GLU G 116 31.64 14.52 0.84
N GLU G 117 30.84 15.17 1.68
CA GLU G 117 31.42 16.05 2.69
C GLU G 117 32.30 15.23 3.64
N LEU G 118 31.81 14.05 4.04
CA LEU G 118 32.60 13.21 4.93
C LEU G 118 33.91 12.86 4.25
N GLU G 119 33.87 12.59 2.95
CA GLU G 119 35.10 12.31 2.25
C GLU G 119 36.02 13.53 2.31
N ARG G 120 35.49 14.74 2.21
CA ARG G 120 36.38 15.90 2.30
C ARG G 120 37.04 15.90 3.67
N LEU G 121 36.30 15.53 4.71
CA LEU G 121 36.90 15.49 6.01
C LEU G 121 38.06 14.53 6.04
N CYS G 122 37.90 13.39 5.38
CA CYS G 122 38.96 12.43 5.52
C CYS G 122 40.21 12.77 4.71
N GLU G 123 40.21 13.81 3.88
CA GLU G 123 41.49 14.15 3.29
C GLU G 123 42.46 14.71 4.31
N SER G 124 41.94 15.19 5.45
CA SER G 124 42.77 15.70 6.52
C SER G 124 43.87 14.72 6.89
N ASN G 125 45.03 15.27 7.27
CA ASN G 125 46.11 14.43 7.72
C ASN G 125 45.82 13.79 9.06
N ARG G 126 44.67 14.08 9.67
CA ARG G 126 44.39 13.45 10.94
C ARG G 126 43.73 12.09 10.78
N VAL G 127 43.27 11.75 9.58
CA VAL G 127 42.49 10.55 9.37
C VAL G 127 43.27 9.55 8.53
N ASP G 128 43.23 8.27 8.91
CA ASP G 128 44.01 7.22 8.26
C ASP G 128 43.47 6.75 6.92
N ALA G 129 44.35 6.07 6.17
CA ALA G 129 44.04 5.61 4.81
C ALA G 129 42.85 4.67 4.81
N LYS G 130 42.75 3.79 5.81
CA LYS G 130 41.68 2.81 5.78
C LYS G 130 40.35 3.53 5.88
N THR G 131 40.28 4.56 6.72
CA THR G 131 39.01 5.25 6.80
C THR G 131 38.73 6.00 5.49
N LYS G 132 39.76 6.55 4.85
CA LYS G 132 39.53 7.17 3.54
C LYS G 132 38.96 6.16 2.54
N LEU G 133 39.51 4.95 2.48
CA LEU G 133 38.92 3.98 1.56
C LEU G 133 37.52 3.64 1.96
N GLU G 134 37.26 3.42 3.25
CA GLU G 134 35.88 3.16 3.65
C GLU G 134 34.97 4.29 3.21
N ALA G 135 35.43 5.55 3.33
CA ALA G 135 34.59 6.65 2.88
C ALA G 135 34.39 6.66 1.38
N GLN G 136 35.45 6.45 0.59
CA GLN G 136 35.23 6.42 -0.85
C GLN G 136 34.26 5.34 -1.22
N ALA G 137 34.38 4.17 -0.61
CA ALA G 137 33.48 3.09 -0.96
C ALA G 137 32.06 3.42 -0.53
N TYR G 138 31.90 4.14 0.56
CA TYR G 138 30.55 4.46 0.98
C TYR G 138 29.93 5.49 0.02
N THR G 139 30.68 6.55 -0.33
CA THR G 139 30.15 7.51 -1.30
C THR G 139 29.84 6.87 -2.65
N ALA G 140 30.76 6.07 -3.15
CA ALA G 140 30.49 5.42 -4.42
C ALA G 140 29.22 4.61 -4.29
N TYR G 141 29.02 3.98 -3.13
CA TYR G 141 27.82 3.18 -2.97
C TYR G 141 26.59 4.04 -3.00
N LEU G 142 26.58 5.16 -2.28
CA LEU G 142 25.32 5.88 -2.31
C LEU G 142 25.09 6.49 -3.68
N SER G 143 26.06 7.22 -4.20
CA SER G 143 25.95 7.69 -5.57
C SER G 143 25.46 6.57 -6.47
N GLY G 144 25.92 5.35 -6.27
CA GLY G 144 25.44 4.29 -7.11
C GLY G 144 23.96 4.03 -6.92
N MET G 145 23.49 4.00 -5.67
CA MET G 145 22.06 3.78 -5.48
C MET G 145 21.25 4.93 -6.08
N LEU G 146 21.70 6.17 -5.88
CA LEU G 146 21.03 7.32 -6.45
C LEU G 146 20.97 7.18 -7.95
N ARG G 147 22.12 7.33 -8.61
CA ARG G 147 22.13 7.24 -10.06
C ARG G 147 21.56 5.92 -10.55
N PHE G 148 21.24 5.00 -9.63
CA PHE G 148 20.50 3.80 -9.98
C PHE G 148 19.00 4.09 -10.05
N GLU G 149 18.48 4.81 -9.07
CA GLU G 149 17.05 5.15 -9.08
C GLU G 149 16.68 6.07 -10.23
N HIS G 150 17.63 6.83 -10.78
CA HIS G 150 17.29 7.60 -11.97
C HIS G 150 17.43 6.79 -13.24
N GLN G 151 17.71 5.49 -13.11
CA GLN G 151 17.87 4.57 -14.22
C GLN G 151 19.00 5.00 -15.13
N GLU G 152 19.89 5.82 -14.60
CA GLU G 152 21.09 6.30 -15.26
C GLU G 152 22.16 5.24 -15.09
N TRP G 153 22.05 4.23 -15.92
CA TRP G 153 22.72 2.97 -15.69
C TRP G 153 24.23 3.15 -15.74
N LYS G 154 24.72 3.95 -16.67
CA LYS G 154 26.16 4.08 -16.82
C LYS G 154 26.78 4.77 -15.62
N ALA G 155 26.17 5.83 -15.10
CA ALA G 155 26.72 6.46 -13.91
C ALA G 155 26.65 5.53 -12.71
N ALA G 156 25.58 4.76 -12.61
CA ALA G 156 25.47 3.83 -11.50
C ALA G 156 26.55 2.79 -11.60
N ILE G 157 26.73 2.19 -12.76
CA ILE G 157 27.76 1.17 -12.85
C ILE G 157 29.14 1.77 -12.59
N GLU G 158 29.39 3.01 -13.02
CA GLU G 158 30.67 3.61 -12.68
C GLU G 158 30.86 3.67 -11.18
N ALA G 159 29.85 4.13 -10.46
CA ALA G 159 30.03 4.23 -9.01
C ALA G 159 30.09 2.85 -8.36
N PHE G 160 29.23 1.92 -8.77
CA PHE G 160 29.28 0.59 -8.18
C PHE G 160 30.58 -0.11 -8.49
N ASN G 161 31.09 0.04 -9.71
CA ASN G 161 32.38 -0.57 -10.01
C ASN G 161 33.50 0.01 -9.16
N LYS G 162 33.47 1.33 -8.92
CA LYS G 162 34.48 1.90 -8.04
C LYS G 162 34.33 1.25 -6.68
N CYS G 163 33.10 1.11 -6.22
CA CYS G 163 32.83 0.48 -4.93
C CYS G 163 33.37 -0.93 -4.86
N LYS G 164 32.99 -1.77 -5.81
CA LYS G 164 33.51 -3.12 -5.81
C LYS G 164 35.03 -3.12 -5.79
N THR G 165 35.66 -2.24 -6.57
CA THR G 165 37.11 -2.24 -6.58
C THR G 165 37.69 -1.89 -5.21
N ILE G 166 37.13 -0.90 -4.51
CA ILE G 166 37.72 -0.55 -3.22
C ILE G 166 37.48 -1.64 -2.20
N TYR G 167 36.27 -2.14 -2.09
CA TYR G 167 36.06 -3.17 -1.08
C TYR G 167 36.86 -4.42 -1.41
N GLU G 168 37.06 -4.73 -2.69
CA GLU G 168 37.93 -5.85 -3.02
C GLU G 168 39.35 -5.60 -2.55
N LYS G 169 39.88 -4.40 -2.75
CA LYS G 169 41.20 -4.08 -2.22
C LYS G 169 41.27 -4.29 -0.70
N LEU G 170 40.26 -3.80 0.02
CA LEU G 170 40.30 -4.00 1.46
C LEU G 170 40.18 -5.46 1.82
N ALA G 171 39.31 -6.20 1.14
CA ALA G 171 39.20 -7.61 1.45
C ALA G 171 40.53 -8.32 1.22
N SER G 172 41.29 -7.91 0.20
CA SER G 172 42.51 -8.63 -0.07
C SER G 172 43.64 -8.13 0.81
N ALA G 173 43.38 -7.14 1.64
CA ALA G 173 44.47 -6.53 2.39
C ALA G 173 44.47 -6.96 3.85
N PHE G 174 43.31 -7.33 4.42
CA PHE G 174 43.39 -7.62 5.84
C PHE G 174 43.09 -9.10 6.08
N THR G 175 42.47 -9.43 7.21
CA THR G 175 42.25 -10.83 7.55
C THR G 175 41.18 -11.43 6.67
N GLU G 176 41.29 -12.74 6.42
CA GLU G 176 40.20 -13.42 5.76
C GLU G 176 38.87 -13.20 6.50
N GLU G 177 38.93 -13.18 7.83
CA GLU G 177 37.75 -12.96 8.69
C GLU G 177 37.15 -11.56 8.64
N GLN G 178 37.94 -10.50 8.77
CA GLN G 178 37.28 -9.19 8.61
C GLN G 178 36.77 -9.00 7.19
N ALA G 179 37.38 -9.69 6.23
CA ALA G 179 36.99 -9.56 4.82
C ALA G 179 35.56 -10.02 4.58
N VAL G 180 35.03 -10.96 5.37
CA VAL G 180 33.70 -11.52 5.10
C VAL G 180 32.65 -10.44 5.04
N LEU G 181 32.69 -9.48 5.96
CA LEU G 181 31.73 -8.38 5.93
C LEU G 181 31.84 -7.64 4.59
N TYR G 182 33.07 -7.34 4.17
CA TYR G 182 33.26 -6.59 2.93
C TYR G 182 32.80 -7.42 1.74
N ASN G 183 33.09 -8.72 1.77
CA ASN G 183 32.66 -9.60 0.70
C ASN G 183 31.15 -9.63 0.63
N GLN G 184 30.47 -9.56 1.78
CA GLN G 184 29.01 -9.54 1.78
C GLN G 184 28.51 -8.26 1.16
N ARG G 185 29.24 -7.15 1.29
CA ARG G 185 28.73 -5.94 0.65
C ARG G 185 28.91 -6.01 -0.86
N VAL G 186 30.00 -6.64 -1.32
CA VAL G 186 30.11 -6.74 -2.77
C VAL G 186 29.07 -7.69 -3.32
N GLU G 187 28.85 -8.82 -2.65
CA GLU G 187 27.78 -9.69 -3.12
C GLU G 187 26.45 -8.94 -3.11
N GLU G 188 26.24 -8.10 -2.10
CA GLU G 188 24.95 -7.44 -1.91
C GLU G 188 24.66 -6.51 -3.06
N ILE G 189 25.68 -5.81 -3.59
CA ILE G 189 25.44 -4.87 -4.69
C ILE G 189 25.67 -5.51 -6.03
N SER G 190 26.14 -6.75 -6.04
CA SER G 190 26.36 -7.46 -7.30
C SER G 190 25.13 -7.51 -8.21
N PRO G 191 23.90 -7.78 -7.72
CA PRO G 191 22.79 -7.79 -8.67
C PRO G 191 22.61 -6.46 -9.39
N ASN G 192 22.81 -5.32 -8.75
CA ASN G 192 22.72 -4.07 -9.50
C ASN G 192 23.70 -4.05 -10.65
N ILE G 193 24.92 -4.48 -10.42
CA ILE G 193 25.85 -4.46 -11.52
C ILE G 193 25.33 -5.34 -12.63
N ARG G 194 24.83 -6.54 -12.30
CA ARG G 194 24.26 -7.40 -13.36
C ARG G 194 23.12 -6.69 -14.12
N TYR G 195 22.25 -5.98 -13.40
CA TYR G 195 21.11 -5.32 -14.03
C TYR G 195 21.58 -4.22 -14.95
N CYS G 196 22.54 -3.44 -14.49
CA CYS G 196 23.16 -2.38 -15.28
C CYS G 196 23.76 -3.00 -16.54
N ALA G 197 24.48 -4.09 -16.36
CA ALA G 197 25.22 -4.76 -17.42
C ALA G 197 24.28 -5.15 -18.53
N TYR G 198 23.09 -5.60 -18.16
CA TYR G 198 22.16 -6.08 -19.17
C TYR G 198 21.62 -4.93 -20.00
N ASN G 199 21.72 -3.71 -19.51
CA ASN G 199 21.43 -2.53 -20.31
C ASN G 199 22.54 -2.10 -21.28
N ILE G 200 23.02 -3.04 -22.12
CA ILE G 200 24.01 -2.67 -23.15
C ILE G 200 23.34 -1.84 -24.24
N GLY G 201 22.25 -2.38 -24.83
CA GLY G 201 21.42 -1.71 -25.80
C GLY G 201 20.04 -2.35 -25.87
N LYS H 47 40.04 0.40 56.19
CA LYS H 47 39.56 0.86 57.49
C LYS H 47 40.20 2.19 57.87
N LYS H 48 40.36 3.09 56.88
CA LYS H 48 41.12 4.31 57.10
C LYS H 48 40.47 5.20 58.16
N LYS H 49 39.13 5.30 58.13
CA LYS H 49 38.30 5.99 59.14
C LYS H 49 38.98 6.96 60.09
N PRO H 53 40.13 5.52 65.04
CA PRO H 53 40.68 6.22 66.21
C PRO H 53 39.61 6.58 67.24
N LYS H 54 38.72 7.47 66.85
CA LYS H 54 37.54 7.76 67.64
C LYS H 54 36.50 6.65 67.54
N ASN H 55 36.80 5.57 66.84
CA ASN H 55 35.87 4.49 66.61
C ASN H 55 35.25 3.94 67.88
N TYR H 56 35.67 4.39 69.04
CA TYR H 56 35.37 3.71 70.27
C TYR H 56 35.02 4.69 71.36
N ASP H 57 35.30 5.97 71.14
CA ASP H 57 35.15 7.04 72.10
C ASP H 57 33.70 7.47 72.26
N PRO H 58 32.87 7.94 70.97
CA PRO H 58 31.50 8.50 71.11
C PRO H 58 30.44 7.42 71.32
N LYS H 59 30.64 6.59 72.35
CA LYS H 59 29.66 5.58 72.79
C LYS H 59 29.15 4.77 71.60
N VAL H 60 30.08 4.35 70.76
CA VAL H 60 29.73 3.79 69.46
C VAL H 60 29.06 2.44 69.62
N PRO H 64 29.27 4.78 62.98
CA PRO H 64 28.26 4.97 64.04
C PRO H 64 27.01 4.10 63.87
N GLU H 65 25.83 4.69 64.02
CA GLU H 65 24.58 3.97 63.77
C GLU H 65 24.44 3.69 62.28
N ARG H 66 24.41 4.75 61.49
CA ARG H 66 24.88 4.87 60.11
C ARG H 66 24.47 3.79 59.10
N TRP H 67 25.27 3.75 58.03
CA TRP H 67 25.09 2.94 56.82
C TRP H 67 23.77 3.30 56.14
N LEU H 68 23.26 2.39 55.33
CA LEU H 68 21.94 2.51 54.71
C LEU H 68 21.84 3.66 53.71
N PRO H 69 20.75 3.69 52.95
CA PRO H 69 20.47 4.83 52.07
C PRO H 69 20.46 6.16 52.82
N MET H 70 20.93 7.20 52.12
CA MET H 70 21.03 8.53 52.73
C MET H 70 19.68 9.04 53.19
N ARG H 71 18.66 9.00 52.31
CA ARG H 71 17.35 9.52 52.68
C ARG H 71 16.80 8.80 53.89
N GLU H 72 17.10 7.51 54.05
CA GLU H 72 16.49 6.73 55.12
C GLU H 72 16.98 7.16 56.49
N ARG H 73 18.20 7.67 56.56
CA ARG H 73 18.86 7.93 57.83
C ARG H 73 18.03 8.89 58.69
N SER H 74 18.28 8.84 59.99
CA SER H 74 17.46 9.60 60.93
C SER H 74 17.77 11.09 60.92
N TYR H 75 18.90 11.51 60.34
CA TYR H 75 19.14 12.93 60.13
C TYR H 75 18.06 13.53 59.21
N TYR H 76 17.45 12.70 58.37
CA TYR H 76 16.27 13.03 57.55
C TYR H 76 16.47 14.23 56.62
N ARG H 77 17.65 14.81 56.56
CA ARG H 77 17.80 15.95 55.66
C ARG H 77 17.56 15.51 54.22
N GLY H 78 17.08 16.45 53.40
CA GLY H 78 16.55 16.11 52.10
C GLY H 78 17.02 16.96 50.94
N ARG H 79 18.20 17.57 51.06
CA ARG H 79 18.87 18.25 49.94
C ARG H 79 18.01 19.35 49.33
N LYS H 80 16.99 19.82 50.05
CA LYS H 80 15.95 20.64 49.41
C LYS H 80 16.58 21.85 48.73
N LYS H 81 16.95 22.86 49.50
CA LYS H 81 17.58 24.04 48.93
C LYS H 81 18.74 23.65 48.02
N GLY H 82 19.45 22.57 48.35
CA GLY H 82 20.54 22.14 47.52
C GLY H 82 20.10 21.47 46.25
N LYS H 83 19.00 20.72 46.29
CA LYS H 83 18.38 20.31 45.04
C LYS H 83 18.07 21.53 44.19
N LYS H 84 17.19 22.41 44.68
CA LYS H 84 16.84 23.66 44.02
C LYS H 84 18.07 24.33 43.41
N LYS H 85 19.18 24.30 44.15
CA LYS H 85 20.42 24.87 43.63
C LYS H 85 20.94 24.06 42.45
N ASP H 86 20.78 22.74 42.49
CA ASP H 86 21.28 21.93 41.39
C ASP H 86 20.32 21.90 40.21
N GLN H 87 19.03 22.17 40.45
CA GLN H 87 18.02 22.13 39.40
C GLN H 87 17.95 23.46 38.64
N ILE H 88 18.08 24.58 39.35
CA ILE H 88 18.33 25.82 38.63
C ILE H 88 19.69 25.79 37.96
N GLY H 89 20.65 25.09 38.57
CA GLY H 89 21.90 24.78 37.89
C GLY H 89 21.68 24.16 36.52
N LYS H 90 21.40 22.85 36.45
CA LYS H 90 21.21 22.20 35.16
C LYS H 90 20.13 22.86 34.32
N GLY H 91 19.22 23.60 34.95
CA GLY H 91 18.25 24.37 34.22
C GLY H 91 18.91 25.44 33.38
N THR H 92 19.43 26.48 34.03
CA THR H 92 19.79 27.71 33.35
C THR H 92 21.10 27.62 32.55
N GLN H 93 21.65 26.43 32.29
CA GLN H 93 22.90 26.27 31.50
C GLN H 93 24.07 27.02 32.13
MG MG I . -5.16 -26.52 52.07
MG MG J . -4.90 -24.08 9.52
MG MG K . -42.96 6.23 -33.07
MG MG L . -46.02 5.51 -40.63
MG MG M . -12.52 -10.48 13.61
MG MG N . -3.03 -31.03 -1.08
MG MG O . 4.79 -17.99 13.82
MG MG P . 5.78 -33.65 37.34
MG MG Q . -4.62 -30.26 58.61
MG MG R . -3.41 -34.32 59.44
MG MG S . -12.66 -6.95 4.60
MG MG T . 5.39 -37.09 39.49
MG MG U . 13.06 -41.78 25.84
MG MG V . -5.75 -18.92 -0.79
MG MG W . -47.10 -2.68 -30.54
MG MG X . -11.48 -29.46 0.63
MG MG Y . -40.94 5.81 -29.57
MG MG Z . -17.43 -22.75 42.52
MG MG AA . -30.45 -10.85 7.87
MG MG BA . -17.27 -26.29 27.87
MG MG CA . -54.33 5.41 -28.57
MG MG DA . -6.06 -33.32 9.88
MG MG EA . -6.40 -26.34 57.06
MG MG FA . -0.45 -23.27 44.94
MG MG GA . -11.72 -14.27 43.33
MG MG HA . -24.26 -2.57 13.71
MG MG IA . -50.98 -2.43 -29.56
K K JA . -7.54 -25.26 53.47
K K KA . -49.13 13.06 -35.72
K K LA . -15.63 -6.78 24.00
K K MA . -1.39 -26.55 39.71
K K NA . -17.37 -22.40 39.58
C1 GOL OA . -3.90 -24.94 44.05
O1 GOL OA . -3.74 -23.92 45.02
C2 GOL OA . -5.04 -25.85 44.49
O2 GOL OA . -6.04 -25.08 45.12
C3 GOL OA . -5.64 -26.57 43.27
O3 GOL OA . -4.60 -26.90 42.37
C1 GOL PA . -23.79 -10.78 2.76
O1 GOL PA . -23.88 -11.74 3.78
C2 GOL PA . -24.44 -9.47 3.22
O2 GOL PA . -23.94 -9.07 4.48
C3 GOL PA . -24.29 -8.35 2.17
O3 GOL PA . -22.96 -8.17 1.71
C1 GOL QA . -16.47 -10.52 19.32
O1 GOL QA . -17.85 -10.74 19.46
C2 GOL QA . -16.04 -9.39 20.26
O2 GOL QA . -16.93 -9.31 21.35
C3 GOL QA . -14.64 -9.69 20.79
O3 GOL QA . -14.34 -8.79 21.84
C1 GOL RA . -3.54 -29.65 38.11
O1 GOL RA . -3.55 -28.35 38.66
C2 GOL RA . -4.93 -30.27 38.23
O2 GOL RA . -5.84 -29.53 37.45
C3 GOL RA . -4.90 -31.73 37.76
O3 GOL RA . -6.15 -32.35 37.97
C1 GOL SA . -18.34 -12.93 16.31
O1 GOL SA . -19.19 -13.01 17.44
C2 GOL SA . -17.88 -14.33 15.90
O2 GOL SA . -17.30 -14.29 14.60
C3 GOL SA . -19.05 -15.32 15.94
O3 GOL SA . -18.60 -16.62 15.60
C1 GOL TA . 15.33 -57.91 58.69
O1 GOL TA . 14.56 -57.17 59.61
C2 GOL TA . 14.77 -57.81 57.26
O2 GOL TA . 15.37 -56.75 56.53
C3 GOL TA . 14.85 -59.15 56.50
O3 GOL TA . 14.13 -60.17 57.15
MG MG UA . 16.69 -5.84 -8.22
MG MG VA . -5.53 -4.10 -19.52
MG MG WA . 6.89 -18.38 -4.96
MG MG XA . 3.35 24.72 -7.88
MG MG YA . 24.35 1.81 37.57
MG MG ZA . -25.84 39.76 3.52
MG MG AB . -22.85 37.10 -35.90
MG MG BB . -2.91 26.99 -15.81
MG MG CB . 4.34 31.66 -9.92
MG MG DB . -26.80 41.86 -1.12
MG MG EB . -28.53 38.09 -14.81
MG MG FB . 32.28 0.47 44.15
MG MG GB . 29.92 0.43 40.66
MG MG HB . -38.82 46.62 -18.26
MG MG IB . -37.63 51.23 -21.40
MG MG JB . 2.17 24.17 6.75
MG MG KB . 1.43 28.18 -14.35
K K LB . -35.17 43.55 -14.10
K K MB . -10.27 24.95 6.70
K K NB . 8.16 16.89 17.03
K K OB . -5.19 25.69 7.95
K K PB . 31.71 -3.90 53.43
C1 GOL QB . -12.67 20.49 6.94
O1 GOL QB . -13.53 21.50 6.44
C2 GOL QB . -11.21 20.84 6.66
O2 GOL QB . -11.09 21.68 5.54
C3 GOL QB . -10.64 21.63 7.82
O3 GOL QB . -9.45 22.22 7.34
C1 GOL RB . -34.16 40.51 -15.57
O1 GOL RB . -33.55 41.78 -15.47
C2 GOL RB . -35.67 40.65 -15.75
O2 GOL RB . -36.08 39.87 -16.85
C3 GOL RB . -36.41 40.15 -14.50
O3 GOL RB . -37.19 41.18 -13.92
C1 GOL SB . -5.68 23.16 6.21
O1 GOL SB . -6.38 23.08 7.43
C2 GOL SB . -4.20 22.78 6.40
O2 GOL SB . -3.87 21.77 5.48
C3 GOL SB . -3.27 23.99 6.21
O3 GOL SB . -2.69 24.41 7.43
MG MG TB . 13.82 -1.81 -9.50
#